data_7RPI
#
_entry.id   7RPI
#
loop_
_entity.id
_entity.type
_entity.pdbx_description
1 polymer 'Protein dispatched homolog 1'
2 non-polymer 'CHOLESTEROL HEMISUCCINATE'
3 non-polymer 'Lauryl Maltose Neopentyl Glycol'
4 non-polymer 2-acetamido-2-deoxy-beta-D-glucopyranose
5 non-polymer 'SODIUM ION'
6 water water
#
_entity_poly.entity_id   1
_entity_poly.type   'polypeptide(L)'
_entity_poly.pdbx_seq_one_letter_code
;MARPFKFPRSYAALLADWPVVVLGMCTLLIVVCALVGVLVPELPDFSDPLLGFEPRGTTIGQRLVTWNNMMRNTGYKATL
ANYPYKYAEEQARSHRDDRWSDDHHERERREVDWNFQKDSFFCDVPSDGYSRVVFASAGGETLWNLPAIKSMCDVDNSRI
RSHPQFSDLCQRTTAVSCCPSWTLGNYIAILNNRSSCQKIVERDVSHTLKLLRTCAKHYQNGTLGPDCWDKAARRKDQLK
CTNVPRKCTKYNAVYQILHYLVDKDFMTPKTADYAVPALKYSMLFSPTEKGESMMNIYLDNFENWNSSDGITTVTGIEFG
IKHSLFQDYLLMDTVYPAIAIAIVLLIMCVYTKSMFITLMTMFAIISSLIVSYFLYRVVFNFEFFPFMNLTALIILVGIG
ADDAFVLCDVWNYTKFDKPRAETSEAVSVTLQHAALSMFVTSFTTAAAFYANYVSNITAIRCFGVYAGTAILVNYVLMVT
WLPAVIVLHERYLLNIFTCFRKPQPQAYDKSCWAVLCQKCRRVLFAVSEASRIFFEKVLPCIVIKFRYLWLIWFLALTVG
GAYIVCVNPKMKLPSLELSEFQVFRSSHPFERYDAEFKKLFMFERVHHGEELHMPITVIWGVSPEDSGDPLNPKSKGELT
LDSTFNIASPASQAWILHFCQKLRNQTFFHQTEQQDFTSCFIETFKQWMENQDCDEPALYPCCSHCSFPYKQEVFELCIK
KAIMELDRSTGYHLNNKTPGPRFDINDTIRAVVLEFQSTFLFTLAYEKMQQFYKEVDSWISHELSSAPEGLSRGWFVSNL
EFYDLQDSLSDGTLIAMGLSVAVAFSVMLLTTWNIIISLYAIVSIAGTIFVTVGSLVLLGWELNVLESVTISVAVGLSVD
FAVHYGVAYRLAPDPDREGKVIFSLSRMGSAIAMAALTTFVAGAMMMPSTVLAYTQLGTFMMLVMCVSWAFATFFFQCLC
RCLGPQGTCGQIPFPTKLQCSPFSHTLSARPGDRGPSKTHAASAYSVDARGQKSQLEHEFYELQPLASHSCTSSEKTTYE
EPHTCSEFFNGQAKNLRMPVPAAYSSELTKSPSSEPGSALLQSCLEQDTVCHFSLNPRCNCRDAYTHLQYGLPEIHCQQM
GDSLCHKCASTAGGFVQIQSSVAPLKASHQAAEGLLHPAQHMLPPGMQNSRPRNFFLHSVQHFQAQENLGRTSTHSTDER
LPRTAELSPPPSDSRSTESFQRACCHPENNQRRLCKSRDPGDTEGSGGTKSKVSGLPNQTDKEEKQVEPSLLQTDETVNS
EHLNHNESNFTFSHLPGEAGCRSCPNSPQSCRSIMRSKCGTEDCQTPNLEANVPAVPTHSDLSGESLLIKTL
;
_entity_poly.pdbx_strand_id   A
#
# COMPACT_ATOMS: atom_id res chain seq x y z
N PHE A 5 43.73 13.73 -38.42
CA PHE A 5 44.16 13.69 -37.00
C PHE A 5 43.83 12.34 -36.35
N LYS A 6 44.45 12.04 -35.20
CA LYS A 6 44.27 10.79 -34.43
C LYS A 6 42.83 10.60 -33.93
N PHE A 7 42.39 9.34 -33.84
CA PHE A 7 41.10 8.93 -33.28
C PHE A 7 41.13 7.43 -32.88
N PRO A 8 40.58 7.01 -31.72
CA PRO A 8 40.54 5.60 -31.33
C PRO A 8 39.67 4.74 -32.26
N ARG A 9 40.22 3.61 -32.77
CA ARG A 9 39.55 2.75 -33.76
C ARG A 9 38.74 1.53 -33.26
N SER A 10 38.51 1.48 -31.96
CA SER A 10 37.68 0.45 -31.31
C SER A 10 37.26 0.93 -29.92
N TYR A 11 36.20 0.35 -29.33
CA TYR A 11 35.73 0.75 -27.99
C TYR A 11 36.76 0.50 -26.89
N ALA A 12 37.44 -0.65 -26.90
CA ALA A 12 38.52 -0.93 -25.96
C ALA A 12 39.69 0.05 -26.10
N ALA A 13 39.99 0.51 -27.33
CA ALA A 13 40.98 1.57 -27.57
C ALA A 13 40.49 2.95 -27.11
N LEU A 14 39.20 3.29 -27.22
CA LEU A 14 38.66 4.54 -26.69
C LEU A 14 38.83 4.61 -25.16
N LEU A 15 38.46 3.55 -24.46
CA LEU A 15 38.65 3.40 -23.01
C LEU A 15 40.13 3.44 -22.62
N ALA A 16 41.00 2.78 -23.39
CA ALA A 16 42.43 2.68 -23.10
C ALA A 16 43.24 3.95 -23.43
N ASP A 17 42.94 4.64 -24.54
CA ASP A 17 43.70 5.79 -25.00
C ASP A 17 43.14 7.14 -24.52
N TRP A 18 41.82 7.29 -24.44
CA TRP A 18 41.14 8.52 -24.02
C TRP A 18 40.14 8.28 -22.86
N PRO A 19 40.52 7.66 -21.72
CA PRO A 19 39.58 7.47 -20.61
C PRO A 19 38.99 8.79 -20.10
N VAL A 20 39.75 9.89 -20.22
CA VAL A 20 39.32 11.23 -19.80
C VAL A 20 38.17 11.78 -20.64
N VAL A 21 38.09 11.41 -21.93
CA VAL A 21 36.91 11.71 -22.77
C VAL A 21 35.68 11.04 -22.18
N VAL A 22 35.76 9.75 -21.87
CA VAL A 22 34.64 8.97 -21.36
C VAL A 22 34.13 9.54 -20.03
N LEU A 23 35.02 9.86 -19.08
CA LEU A 23 34.62 10.48 -17.82
C LEU A 23 34.09 11.92 -17.99
N GLY A 24 34.70 12.73 -18.85
CA GLY A 24 34.23 14.08 -19.13
C GLY A 24 32.84 14.09 -19.78
N MET A 25 32.60 13.24 -20.78
CA MET A 25 31.31 13.10 -21.42
C MET A 25 30.23 12.60 -20.45
N CYS A 26 30.51 11.53 -19.68
CA CYS A 26 29.61 11.07 -18.63
C CYS A 26 29.29 12.20 -17.66
N THR A 27 30.29 12.91 -17.14
CA THR A 27 30.08 13.97 -16.15
C THR A 27 29.21 15.09 -16.70
N LEU A 28 29.45 15.55 -17.93
CA LEU A 28 28.66 16.62 -18.52
C LEU A 28 27.19 16.23 -18.69
N LEU A 29 26.88 15.05 -19.24
CA LEU A 29 25.48 14.65 -19.39
C LEU A 29 24.82 14.26 -18.05
N ILE A 30 25.56 13.81 -17.04
CA ILE A 30 25.04 13.67 -15.68
C ILE A 30 24.72 15.05 -15.08
N VAL A 31 25.58 16.05 -15.25
CA VAL A 31 25.35 17.43 -14.80
C VAL A 31 24.11 18.04 -15.45
N VAL A 32 23.92 17.84 -16.77
CA VAL A 32 22.70 18.25 -17.47
C VAL A 32 21.46 17.60 -16.85
N CYS A 33 21.46 16.29 -16.58
CA CYS A 33 20.35 15.62 -15.91
C CYS A 33 20.06 16.19 -14.53
N ALA A 34 21.09 16.43 -13.72
CA ALA A 34 20.96 17.00 -12.39
C ALA A 34 20.36 18.42 -12.40
N LEU A 35 20.82 19.29 -13.31
CA LEU A 35 20.25 20.64 -13.49
C LEU A 35 18.81 20.57 -13.99
N VAL A 36 18.57 19.95 -15.14
CA VAL A 36 17.24 19.96 -15.77
C VAL A 36 16.20 19.30 -14.88
N GLY A 37 16.54 18.21 -14.17
CA GLY A 37 15.64 17.54 -13.24
C GLY A 37 15.22 18.40 -12.05
N VAL A 38 16.02 19.37 -11.62
CA VAL A 38 15.68 20.30 -10.53
C VAL A 38 14.99 21.57 -11.05
N LEU A 39 15.40 22.08 -12.20
CA LEU A 39 14.89 23.33 -12.78
C LEU A 39 13.54 23.16 -13.50
N VAL A 40 13.32 22.09 -14.27
CA VAL A 40 12.19 21.99 -15.20
C VAL A 40 10.94 21.33 -14.59
N PRO A 41 10.96 20.10 -14.03
CA PRO A 41 9.79 19.50 -13.39
C PRO A 41 9.33 20.21 -12.13
N GLU A 42 8.07 20.04 -11.75
CA GLU A 42 7.55 20.37 -10.41
C GLU A 42 8.02 19.32 -9.39
N LEU A 43 8.60 19.73 -8.26
CA LEU A 43 9.18 18.79 -7.30
C LEU A 43 8.12 17.87 -6.64
N PRO A 44 8.47 16.60 -6.31
CA PRO A 44 7.54 15.64 -5.71
C PRO A 44 6.85 16.11 -4.43
N ASP A 45 5.60 15.67 -4.24
CA ASP A 45 4.77 15.95 -3.07
C ASP A 45 4.33 14.64 -2.39
N PHE A 46 4.61 14.49 -1.10
CA PHE A 46 4.26 13.31 -0.29
C PHE A 46 3.18 13.57 0.76
N SER A 47 2.36 14.60 0.57
CA SER A 47 1.23 14.95 1.48
C SER A 47 0.17 13.85 1.63
N ASP A 48 0.02 12.94 0.67
CA ASP A 48 -0.90 11.82 0.76
C ASP A 48 -0.16 10.51 0.47
N PRO A 49 0.25 9.70 1.46
CA PRO A 49 0.90 8.43 1.21
C PRO A 49 0.07 7.44 0.42
N LEU A 50 -1.25 7.50 0.51
CA LEU A 50 -2.12 6.52 -0.12
C LEU A 50 -2.46 6.90 -1.56
N LEU A 51 -1.83 7.90 -2.15
CA LEU A 51 -2.28 8.55 -3.37
C LEU A 51 -2.60 7.63 -4.59
N GLY A 52 -1.70 6.84 -5.09
CA GLY A 52 -2.01 5.99 -6.24
C GLY A 52 -2.51 4.61 -5.92
N PHE A 53 -3.04 4.32 -4.74
CA PHE A 53 -3.38 2.96 -4.26
C PHE A 53 -4.73 2.46 -4.77
N GLU A 54 -5.05 2.77 -5.98
CA GLU A 54 -6.36 2.57 -6.58
C GLU A 54 -6.20 1.84 -7.93
N PRO A 55 -6.91 0.74 -8.19
CA PRO A 55 -6.95 0.15 -9.52
C PRO A 55 -7.65 1.08 -10.53
N ARG A 56 -7.09 1.30 -11.71
CA ARG A 56 -7.71 2.24 -12.64
C ARG A 56 -8.46 1.59 -13.79
N GLY A 57 -7.88 0.62 -14.49
CA GLY A 57 -8.47 0.06 -15.71
C GLY A 57 -9.47 -1.07 -15.52
N THR A 58 -9.77 -1.47 -14.28
CA THR A 58 -10.62 -2.64 -13.98
C THR A 58 -12.09 -2.36 -14.31
N THR A 59 -12.89 -3.41 -14.52
CA THR A 59 -14.35 -3.27 -14.77
C THR A 59 -15.04 -2.57 -13.61
N ILE A 60 -14.79 -3.03 -12.38
CA ILE A 60 -15.35 -2.41 -11.17
C ILE A 60 -14.82 -0.98 -11.01
N GLY A 61 -13.52 -0.74 -11.21
CA GLY A 61 -12.91 0.59 -11.08
C GLY A 61 -13.49 1.64 -12.03
N GLN A 62 -13.70 1.31 -13.31
CA GLN A 62 -14.34 2.23 -14.26
C GLN A 62 -15.79 2.56 -13.89
N ARG A 63 -16.51 1.61 -13.28
CA ARG A 63 -17.88 1.85 -12.83
C ARG A 63 -17.88 2.76 -11.59
N LEU A 64 -16.98 2.49 -10.65
CA LEU A 64 -16.84 3.31 -9.44
C LEU A 64 -16.44 4.76 -9.77
N VAL A 65 -15.47 4.97 -10.67
CA VAL A 65 -15.10 6.31 -11.16
C VAL A 65 -16.28 6.97 -11.85
N THR A 66 -17.03 6.25 -12.68
CA THR A 66 -18.21 6.81 -13.36
C THR A 66 -19.27 7.29 -12.40
N TRP A 67 -19.58 6.51 -11.36
CA TRP A 67 -20.55 6.87 -10.34
C TRP A 67 -20.10 8.09 -9.52
N ASN A 68 -18.81 8.22 -9.20
CA ASN A 68 -18.29 9.44 -8.56
C ASN A 68 -18.36 10.68 -9.47
N ASN A 69 -18.07 10.55 -10.76
CA ASN A 69 -18.25 11.64 -11.72
C ASN A 69 -19.73 12.04 -11.87
N MET A 70 -20.68 11.10 -11.84
CA MET A 70 -22.11 11.40 -11.79
C MET A 70 -22.50 12.18 -10.54
N MET A 71 -22.00 11.81 -9.36
CA MET A 71 -22.38 12.48 -8.12
C MET A 71 -21.85 13.91 -8.01
N ARG A 72 -20.62 14.19 -8.43
CA ARG A 72 -20.11 15.56 -8.36
C ARG A 72 -20.83 16.50 -9.35
N ASN A 73 -21.13 15.97 -10.52
CA ASN A 73 -21.80 16.73 -11.59
C ASN A 73 -23.33 16.73 -11.50
N THR A 74 -23.93 16.35 -10.37
CA THR A 74 -25.39 16.36 -10.17
C THR A 74 -25.80 17.47 -9.19
N GLY A 75 -26.64 18.40 -9.62
CA GLY A 75 -27.06 19.56 -8.81
C GLY A 75 -27.72 20.67 -9.63
N TYR A 76 -28.08 21.79 -8.99
CA TYR A 76 -28.75 22.92 -9.64
C TYR A 76 -27.91 23.50 -10.79
N LYS A 77 -28.45 23.43 -12.01
CA LYS A 77 -27.80 23.82 -13.28
C LYS A 77 -26.47 23.10 -13.58
N ALA A 78 -26.19 21.96 -12.95
CA ALA A 78 -25.06 21.08 -13.28
C ALA A 78 -25.35 20.21 -14.52
N THR A 79 -24.47 19.26 -14.85
CA THR A 79 -24.66 18.39 -16.03
C THR A 79 -25.92 17.51 -15.91
N LEU A 80 -26.22 17.06 -14.70
CA LEU A 80 -27.41 16.28 -14.34
C LEU A 80 -28.10 16.91 -13.12
N ALA A 81 -29.38 16.68 -12.94
CA ALA A 81 -30.16 17.19 -11.82
C ALA A 81 -31.24 16.19 -11.39
N ASN A 82 -31.60 16.18 -10.10
CA ASN A 82 -32.73 15.39 -9.60
C ASN A 82 -34.10 15.95 -10.00
N TYR A 83 -34.20 17.26 -10.24
CA TYR A 83 -35.45 17.96 -10.52
C TYR A 83 -35.41 18.62 -11.90
N PRO A 84 -36.54 18.71 -12.62
CA PRO A 84 -36.62 19.38 -13.91
C PRO A 84 -36.63 20.92 -13.72
N TYR A 85 -35.51 21.52 -13.32
CA TYR A 85 -35.47 22.89 -12.82
C TYR A 85 -36.04 23.93 -13.78
N LYS A 86 -35.81 23.85 -15.09
CA LYS A 86 -36.41 24.79 -16.04
C LYS A 86 -37.94 24.69 -16.16
N TYR A 87 -38.53 23.53 -15.82
CA TYR A 87 -39.98 23.42 -15.58
C TYR A 87 -40.37 23.95 -14.19
N ALA A 88 -39.58 23.70 -13.14
CA ALA A 88 -39.85 24.15 -11.77
C ALA A 88 -39.87 25.69 -11.62
N GLU A 89 -38.91 26.39 -12.23
CA GLU A 89 -38.86 27.86 -12.21
C GLU A 89 -40.09 28.47 -12.93
N GLU A 90 -40.58 27.83 -14.00
CA GLU A 90 -41.84 28.20 -14.64
C GLU A 90 -43.07 27.98 -13.76
N GLN A 91 -43.00 27.13 -12.72
CA GLN A 91 -44.05 27.03 -11.70
C GLN A 91 -43.89 28.09 -10.61
N ALA A 92 -42.64 28.40 -10.22
CA ALA A 92 -42.35 29.47 -9.26
C ALA A 92 -42.71 30.87 -9.79
N ARG A 93 -42.72 31.04 -11.12
CA ARG A 93 -43.20 32.25 -11.83
C ARG A 93 -44.70 32.53 -11.60
N SER A 94 -45.52 31.52 -11.31
CA SER A 94 -46.97 31.71 -11.06
C SER A 94 -47.23 32.55 -9.81
N TRP A 114 -12.66 25.40 34.26
CA TRP A 114 -14.09 25.10 34.30
C TRP A 114 -14.57 24.70 35.71
N ASN A 115 -15.87 24.82 35.97
CA ASN A 115 -16.48 24.43 37.24
C ASN A 115 -17.88 23.83 37.01
N PHE A 116 -18.00 22.50 37.09
CA PHE A 116 -19.26 21.78 36.86
C PHE A 116 -20.33 22.01 37.93
N GLN A 117 -20.07 22.71 39.04
CA GLN A 117 -21.11 23.19 39.95
C GLN A 117 -21.75 24.51 39.48
N LYS A 118 -21.04 25.29 38.66
CA LYS A 118 -21.55 26.53 38.01
C LYS A 118 -21.97 26.27 36.56
N ASP A 119 -21.00 25.99 35.71
CA ASP A 119 -21.19 25.59 34.30
C ASP A 119 -21.44 24.09 34.23
N SER A 120 -22.61 23.65 34.71
CA SER A 120 -22.94 22.24 34.92
C SER A 120 -23.34 21.49 33.62
N PHE A 121 -22.50 21.60 32.59
CA PHE A 121 -22.67 21.02 31.25
C PHE A 121 -21.33 20.85 30.53
N PHE A 122 -21.24 19.93 29.57
CA PHE A 122 -20.21 19.94 28.52
C PHE A 122 -20.68 20.81 27.33
N CYS A 123 -19.76 21.38 26.56
CA CYS A 123 -20.11 22.29 25.46
C CYS A 123 -20.86 21.63 24.29
N ASP A 124 -20.54 20.37 23.95
CA ASP A 124 -21.31 19.52 23.04
C ASP A 124 -21.02 18.02 23.30
N VAL A 125 -21.58 17.14 22.47
CA VAL A 125 -21.35 15.68 22.50
C VAL A 125 -19.95 15.34 21.94
N PRO A 126 -19.16 14.41 22.53
CA PRO A 126 -17.92 13.93 21.92
C PRO A 126 -18.14 13.24 20.57
N SER A 127 -17.16 13.27 19.68
CA SER A 127 -17.29 12.71 18.32
C SER A 127 -15.92 12.44 17.68
N ASP A 128 -15.92 11.76 16.53
CA ASP A 128 -14.73 11.59 15.69
C ASP A 128 -14.05 12.92 15.29
N GLY A 129 -14.76 14.05 15.30
CA GLY A 129 -14.18 15.34 14.92
C GLY A 129 -13.16 15.90 15.90
N TYR A 130 -13.06 15.36 17.12
CA TYR A 130 -12.16 15.84 18.16
C TYR A 130 -10.89 14.99 18.29
N SER A 131 -9.78 15.65 18.63
CA SER A 131 -8.51 15.01 18.99
C SER A 131 -8.65 14.12 20.21
N ARG A 132 -8.10 12.90 20.19
CA ARG A 132 -8.29 11.93 21.27
C ARG A 132 -7.13 10.96 21.46
N VAL A 133 -7.03 10.39 22.65
CA VAL A 133 -6.01 9.39 23.03
C VAL A 133 -6.67 8.21 23.74
N VAL A 134 -6.06 7.04 23.61
CA VAL A 134 -6.45 5.80 24.27
C VAL A 134 -5.45 5.50 25.37
N PHE A 135 -5.95 5.20 26.56
CA PHE A 135 -5.17 4.76 27.69
C PHE A 135 -5.34 3.26 27.90
N ALA A 136 -4.28 2.60 28.33
CA ALA A 136 -4.26 1.27 28.92
C ALA A 136 -3.61 1.34 30.31
N SER A 137 -3.90 0.39 31.21
CA SER A 137 -3.23 0.33 32.52
C SER A 137 -1.74 -0.01 32.37
N ALA A 138 -0.87 0.66 33.11
CA ALA A 138 0.57 0.37 33.07
C ALA A 138 0.94 -0.93 33.83
N GLY A 139 0.26 -1.22 34.94
CA GLY A 139 0.45 -2.42 35.78
C GLY A 139 -0.57 -3.54 35.51
N GLY A 140 -1.33 -3.46 34.42
CA GLY A 140 -2.33 -4.47 34.05
C GLY A 140 -3.63 -4.47 34.87
N GLU A 141 -3.84 -3.48 35.75
CA GLU A 141 -5.08 -3.32 36.53
C GLU A 141 -6.30 -3.07 35.64
N THR A 142 -7.52 -3.16 36.17
CA THR A 142 -8.66 -2.47 35.54
C THR A 142 -8.44 -0.95 35.57
N LEU A 143 -8.68 -0.23 34.47
CA LEU A 143 -8.60 1.23 34.44
C LEU A 143 -9.66 1.92 35.33
N TRP A 144 -10.72 1.21 35.74
CA TRP A 144 -11.74 1.74 36.63
C TRP A 144 -11.23 1.81 38.08
N ASN A 145 -10.27 2.70 38.36
CA ASN A 145 -9.76 2.99 39.69
C ASN A 145 -9.37 4.48 39.78
N LEU A 146 -9.46 5.08 40.98
CA LEU A 146 -9.29 6.53 41.15
C LEU A 146 -7.90 7.04 40.73
N PRO A 147 -6.77 6.36 41.04
CA PRO A 147 -5.46 6.75 40.51
C PRO A 147 -5.41 6.81 38.98
N ALA A 148 -5.94 5.79 38.29
CA ALA A 148 -5.99 5.77 36.83
C ALA A 148 -6.88 6.87 36.28
N ILE A 149 -8.10 7.03 36.81
CA ILE A 149 -9.08 8.04 36.38
C ILE A 149 -8.47 9.44 36.46
N LYS A 150 -7.85 9.84 37.58
CA LYS A 150 -7.19 11.14 37.69
C LYS A 150 -5.90 11.23 36.87
N SER A 151 -5.13 10.14 36.72
CA SER A 151 -3.95 10.11 35.84
C SER A 151 -4.26 10.45 34.38
N MET A 152 -5.43 10.03 33.86
CA MET A 152 -5.88 10.42 32.54
C MET A 152 -6.11 11.94 32.45
N CYS A 153 -6.79 12.55 33.43
CA CYS A 153 -6.91 14.01 33.51
C CYS A 153 -5.55 14.71 33.65
N ASP A 154 -4.63 14.15 34.44
CA ASP A 154 -3.29 14.71 34.64
C ASP A 154 -2.48 14.74 33.34
N VAL A 155 -2.53 13.69 32.52
CA VAL A 155 -1.89 13.66 31.20
C VAL A 155 -2.49 14.71 30.27
N ASP A 156 -3.81 14.84 30.19
CA ASP A 156 -4.45 15.85 29.34
C ASP A 156 -4.05 17.28 29.72
N ASN A 157 -4.14 17.59 31.02
CA ASN A 157 -3.75 18.88 31.55
C ASN A 157 -2.27 19.19 31.29
N SER A 158 -1.37 18.24 31.57
CA SER A 158 0.07 18.45 31.46
C SER A 158 0.63 18.36 30.04
N ARG A 159 -0.03 17.61 29.13
CA ARG A 159 0.48 17.46 27.75
C ARG A 159 -0.29 18.14 26.58
N ILE A 160 -1.60 18.36 26.73
CA ILE A 160 -2.38 19.05 25.69
C ILE A 160 -2.65 20.50 26.10
N ARG A 161 -3.35 20.72 27.21
CA ARG A 161 -3.70 22.09 27.63
C ARG A 161 -2.54 23.03 27.95
N SER A 162 -1.50 22.48 28.56
CA SER A 162 -0.31 23.25 28.93
C SER A 162 0.39 23.91 27.73
N HIS A 163 0.17 23.42 26.51
CA HIS A 163 0.87 23.88 25.32
C HIS A 163 0.48 25.33 24.94
N PRO A 164 1.44 26.22 24.62
CA PRO A 164 1.15 27.62 24.29
C PRO A 164 0.15 27.86 23.14
N GLN A 165 -0.02 26.91 22.22
CA GLN A 165 -0.97 27.04 21.11
C GLN A 165 -2.41 26.64 21.47
N PHE A 166 -2.62 25.82 22.52
CA PHE A 166 -3.92 25.20 22.79
C PHE A 166 -5.07 26.20 22.90
N SER A 167 -4.83 27.32 23.58
CA SER A 167 -5.83 28.35 23.89
C SER A 167 -6.44 29.02 22.66
N ASP A 168 -5.78 28.95 21.49
CA ASP A 168 -6.31 29.40 20.21
C ASP A 168 -7.12 28.31 19.48
N LEU A 169 -6.81 27.04 19.73
CA LEU A 169 -7.38 25.88 19.03
C LEU A 169 -8.66 25.33 19.68
N CYS A 170 -8.83 25.49 20.98
CA CYS A 170 -9.95 24.93 21.74
C CYS A 170 -11.31 25.56 21.38
N GLN A 171 -12.39 24.77 21.44
CA GLN A 171 -13.74 25.30 21.20
C GLN A 171 -14.07 26.17 22.42
N ARG A 172 -14.76 27.30 22.24
CA ARG A 172 -14.99 28.18 23.39
C ARG A 172 -16.40 28.78 23.71
N THR A 173 -16.89 28.61 24.94
CA THR A 173 -18.12 29.25 25.43
C THR A 173 -17.86 30.69 26.02
N THR A 174 -16.63 30.92 26.52
CA THR A 174 -16.15 32.20 27.08
C THR A 174 -14.69 32.48 26.73
N ALA A 175 -14.27 33.75 26.78
CA ALA A 175 -12.86 34.14 26.72
C ALA A 175 -12.06 33.76 27.99
N VAL A 176 -12.72 33.47 29.12
CA VAL A 176 -12.06 33.17 30.40
C VAL A 176 -11.30 31.83 30.37
N SER A 177 -11.93 30.77 29.86
CA SER A 177 -11.35 29.42 29.75
C SER A 177 -11.99 28.59 28.63
N CYS A 178 -11.23 27.62 28.10
CA CYS A 178 -11.71 26.65 27.12
C CYS A 178 -12.79 25.71 27.69
N CYS A 179 -13.56 25.06 26.81
CA CYS A 179 -14.46 23.97 27.21
C CYS A 179 -13.72 22.82 27.94
N PRO A 180 -14.39 22.04 28.80
CA PRO A 180 -13.81 20.86 29.43
C PRO A 180 -13.63 19.70 28.44
N SER A 181 -12.65 18.82 28.68
CA SER A 181 -12.45 17.59 27.89
C SER A 181 -13.36 16.45 28.33
N TRP A 182 -13.77 15.59 27.41
CA TRP A 182 -14.60 14.44 27.72
C TRP A 182 -13.72 13.27 28.22
N THR A 183 -13.74 13.04 29.53
CA THR A 183 -12.90 12.09 30.26
C THR A 183 -13.72 11.50 31.41
N LEU A 184 -13.48 10.26 31.84
CA LEU A 184 -14.23 9.61 32.93
C LEU A 184 -14.31 10.49 34.18
N GLY A 185 -13.21 11.11 34.59
CA GLY A 185 -13.17 11.95 35.78
C GLY A 185 -14.12 13.15 35.74
N ASN A 186 -14.32 13.76 34.58
CA ASN A 186 -15.30 14.85 34.42
C ASN A 186 -16.74 14.33 34.43
N TYR A 187 -17.03 13.17 33.82
CA TYR A 187 -18.35 12.55 33.94
C TYR A 187 -18.68 12.12 35.37
N ILE A 188 -17.70 11.60 36.12
CA ILE A 188 -17.86 11.30 37.55
C ILE A 188 -18.09 12.61 38.33
N ALA A 189 -17.37 13.69 38.02
CA ALA A 189 -17.58 14.97 38.67
C ALA A 189 -18.99 15.52 38.44
N ILE A 190 -19.47 15.59 37.19
CA ILE A 190 -20.80 16.14 36.88
C ILE A 190 -21.94 15.27 37.44
N LEU A 191 -21.80 13.94 37.46
CA LEU A 191 -22.78 13.01 38.06
C LEU A 191 -22.84 13.08 39.58
N ASN A 192 -21.77 13.53 40.24
CA ASN A 192 -21.67 13.59 41.70
C ASN A 192 -21.50 15.04 42.22
N ASN A 193 -21.94 16.01 41.40
CA ASN A 193 -21.88 17.46 41.63
C ASN A 193 -20.55 17.95 42.25
N ARG A 194 -19.42 17.38 41.84
CA ARG A 194 -18.08 17.90 42.14
C ARG A 194 -17.73 18.96 41.10
N SER A 195 -16.88 19.93 41.43
CA SER A 195 -16.54 21.02 40.51
C SER A 195 -15.64 20.59 39.34
N SER A 196 -14.81 19.56 39.50
CA SER A 196 -13.84 19.12 38.47
C SER A 196 -13.38 17.67 38.68
N CYS A 197 -12.72 17.08 37.67
CA CYS A 197 -12.08 15.75 37.78
C CYS A 197 -11.17 15.63 39.01
N GLN A 198 -10.40 16.67 39.33
CA GLN A 198 -9.40 16.62 40.39
C GLN A 198 -9.99 16.47 41.81
N LYS A 199 -11.28 16.77 41.99
CA LYS A 199 -11.95 16.80 43.31
C LYS A 199 -12.99 15.68 43.51
N ILE A 200 -13.00 14.65 42.66
CA ILE A 200 -13.77 13.42 42.87
C ILE A 200 -13.16 12.52 43.96
N VAL A 201 -13.94 11.62 44.54
CA VAL A 201 -13.51 10.65 45.59
C VAL A 201 -14.06 9.26 45.32
N GLU A 202 -13.55 8.23 46.02
CA GLU A 202 -13.94 6.82 45.82
C GLU A 202 -15.45 6.57 45.89
N ARG A 203 -16.19 7.29 46.75
CA ARG A 203 -17.66 7.22 46.83
C ARG A 203 -18.32 7.58 45.49
N ASP A 204 -17.78 8.58 44.79
CA ASP A 204 -18.26 9.01 43.46
C ASP A 204 -17.96 7.96 42.39
N VAL A 205 -16.78 7.33 42.46
CA VAL A 205 -16.37 6.27 41.55
C VAL A 205 -17.27 5.03 41.70
N SER A 206 -17.52 4.57 42.93
CA SER A 206 -18.43 3.44 43.20
C SER A 206 -19.90 3.76 42.88
N HIS A 207 -20.38 4.98 43.17
CA HIS A 207 -21.73 5.42 42.79
C HIS A 207 -21.92 5.39 41.27
N THR A 208 -20.92 5.89 40.52
CA THR A 208 -20.97 5.87 39.06
C THR A 208 -20.91 4.45 38.50
N LEU A 209 -20.13 3.56 39.13
CA LEU A 209 -20.05 2.15 38.73
C LEU A 209 -21.39 1.43 38.89
N LYS A 210 -22.14 1.67 39.98
CA LYS A 210 -23.49 1.12 40.16
C LYS A 210 -24.44 1.56 39.05
N LEU A 211 -24.48 2.86 38.72
CA LEU A 211 -25.30 3.41 37.63
C LEU A 211 -24.99 2.74 36.29
N LEU A 212 -23.71 2.52 35.99
CA LEU A 212 -23.28 1.80 34.79
C LEU A 212 -23.76 0.34 34.81
N ARG A 213 -23.52 -0.37 35.91
CA ARG A 213 -23.87 -1.80 36.05
C ARG A 213 -25.37 -2.06 35.90
N THR A 214 -26.24 -1.20 36.45
CA THR A 214 -27.69 -1.38 36.27
C THR A 214 -28.16 -0.96 34.87
N CYS A 215 -27.73 0.19 34.35
CA CYS A 215 -28.29 0.72 33.11
C CYS A 215 -27.64 0.22 31.81
N ALA A 216 -26.56 -0.55 31.86
CA ALA A 216 -25.96 -1.16 30.67
C ALA A 216 -26.97 -2.00 29.86
N LYS A 217 -27.90 -2.72 30.50
CA LYS A 217 -28.97 -3.45 29.79
C LYS A 217 -29.89 -2.53 28.99
N HIS A 218 -30.20 -1.33 29.50
CA HIS A 218 -31.00 -0.34 28.78
C HIS A 218 -30.27 0.22 27.56
N TYR A 219 -28.94 0.36 27.62
CA TYR A 219 -28.09 0.69 26.48
C TYR A 219 -28.00 -0.45 25.46
N GLN A 220 -27.76 -1.68 25.90
CA GLN A 220 -27.71 -2.88 25.04
C GLN A 220 -29.03 -3.11 24.29
N ASN A 221 -30.17 -2.87 24.95
CA ASN A 221 -31.52 -3.01 24.41
C ASN A 221 -31.98 -1.78 23.57
N GLY A 222 -31.09 -0.81 23.33
CA GLY A 222 -31.36 0.35 22.46
C GLY A 222 -32.34 1.39 23.05
N THR A 223 -32.62 1.33 24.36
CA THR A 223 -33.59 2.21 25.02
C THR A 223 -32.94 3.49 25.58
N LEU A 224 -31.68 3.43 26.05
CA LEU A 224 -30.85 4.63 26.25
C LEU A 224 -30.41 5.22 24.90
N GLY A 225 -30.20 6.53 24.86
CA GLY A 225 -29.83 7.26 23.64
C GLY A 225 -29.24 8.65 23.92
N PRO A 226 -28.75 9.34 22.88
CA PRO A 226 -27.90 10.53 23.01
C PRO A 226 -28.60 11.82 23.46
N ASP A 227 -29.93 11.92 23.35
CA ASP A 227 -30.67 13.19 23.49
C ASP A 227 -31.68 13.24 24.64
N CYS A 228 -31.87 12.14 25.38
CA CYS A 228 -32.92 12.00 26.40
C CYS A 228 -32.90 12.99 27.58
N TRP A 229 -31.80 13.72 27.84
CA TRP A 229 -31.79 14.75 28.89
C TRP A 229 -32.46 16.06 28.44
N CYS A 241 -36.21 7.77 25.96
CA CYS A 241 -35.83 6.98 27.12
C CYS A 241 -36.97 6.78 28.13
N THR A 242 -38.24 6.80 27.69
CA THR A 242 -39.43 6.68 28.57
C THR A 242 -39.50 5.36 29.36
N ASN A 243 -38.85 4.30 28.87
CA ASN A 243 -38.70 3.00 29.55
C ASN A 243 -37.59 2.99 30.65
N VAL A 244 -36.73 4.02 30.68
CA VAL A 244 -35.47 4.04 31.46
C VAL A 244 -35.63 4.91 32.72
N PRO A 245 -35.12 4.48 33.90
CA PRO A 245 -35.15 5.27 35.12
C PRO A 245 -34.37 6.59 34.99
N ARG A 246 -34.76 7.61 35.77
CA ARG A 246 -34.20 8.97 35.67
C ARG A 246 -32.74 9.06 36.09
N LYS A 247 -32.29 8.29 37.09
CA LYS A 247 -30.93 8.39 37.66
C LYS A 247 -29.79 8.25 36.64
N CYS A 248 -29.91 7.35 35.67
CA CYS A 248 -28.92 7.17 34.60
C CYS A 248 -29.24 7.96 33.31
N THR A 249 -30.33 8.72 33.27
CA THR A 249 -30.64 9.67 32.18
C THR A 249 -30.04 11.07 32.42
N LYS A 250 -29.51 11.34 33.63
CA LYS A 250 -29.26 12.65 34.26
C LYS A 250 -28.54 13.74 33.44
N TYR A 251 -27.69 13.36 32.47
CA TYR A 251 -27.04 14.29 31.51
C TYR A 251 -26.77 13.64 30.14
N ASN A 252 -27.40 12.50 29.83
CA ASN A 252 -26.90 11.48 28.89
C ASN A 252 -25.53 10.86 29.27
N ALA A 253 -25.03 11.09 30.50
CA ALA A 253 -23.71 10.63 30.94
C ALA A 253 -23.50 9.12 30.83
N VAL A 254 -24.47 8.29 31.24
CA VAL A 254 -24.30 6.82 31.17
C VAL A 254 -24.28 6.31 29.73
N TYR A 255 -25.09 6.88 28.84
CA TYR A 255 -24.97 6.60 27.40
C TYR A 255 -23.60 7.03 26.87
N GLN A 256 -23.14 8.24 27.20
CA GLN A 256 -21.88 8.78 26.68
C GLN A 256 -20.67 8.00 27.21
N ILE A 257 -20.65 7.60 28.48
CA ILE A 257 -19.58 6.76 29.03
C ILE A 257 -19.53 5.44 28.26
N LEU A 258 -20.65 4.72 28.16
CA LEU A 258 -20.72 3.40 27.53
C LEU A 258 -20.48 3.44 26.01
N HIS A 259 -20.88 4.50 25.31
CA HIS A 259 -20.72 4.59 23.86
C HIS A 259 -19.34 5.11 23.42
N TYR A 260 -18.72 6.01 24.19
CA TYR A 260 -17.49 6.70 23.77
C TYR A 260 -16.26 6.40 24.61
N LEU A 261 -16.36 6.28 25.94
CA LEU A 261 -15.20 6.34 26.84
C LEU A 261 -14.63 4.99 27.27
N VAL A 262 -15.36 3.88 27.08
CA VAL A 262 -14.97 2.55 27.59
C VAL A 262 -15.02 1.49 26.51
N ASP A 263 -14.15 0.47 26.62
CA ASP A 263 -14.09 -0.63 25.66
C ASP A 263 -15.34 -1.53 25.66
N LYS A 264 -15.52 -2.33 24.58
CA LYS A 264 -16.73 -3.18 24.42
C LYS A 264 -16.82 -4.43 25.32
N ASP A 265 -15.75 -4.77 26.04
CA ASP A 265 -15.78 -5.87 27.01
C ASP A 265 -16.28 -5.36 28.38
N PHE A 266 -15.94 -4.13 28.75
CA PHE A 266 -16.50 -3.48 29.93
C PHE A 266 -18.04 -3.36 29.79
N MET A 267 -18.78 -3.79 30.81
CA MET A 267 -20.25 -3.85 30.82
C MET A 267 -20.86 -4.69 29.67
N THR A 268 -20.15 -5.71 29.18
CA THR A 268 -20.73 -6.79 28.37
C THR A 268 -21.67 -7.67 29.24
N PRO A 269 -22.71 -8.35 28.71
CA PRO A 269 -23.66 -9.10 29.52
C PRO A 269 -23.03 -10.22 30.37
N LYS A 270 -22.01 -10.89 29.82
CA LYS A 270 -21.25 -11.95 30.50
C LYS A 270 -20.36 -11.34 31.61
N THR A 271 -20.50 -11.83 32.84
CA THR A 271 -19.69 -11.42 34.01
C THR A 271 -19.83 -9.92 34.34
N ALA A 272 -21.05 -9.37 34.24
CA ALA A 272 -21.39 -8.03 34.72
C ALA A 272 -21.55 -7.94 36.25
N ASP A 273 -21.85 -9.06 36.91
CA ASP A 273 -22.04 -9.18 38.36
C ASP A 273 -20.71 -9.43 39.12
N TYR A 274 -19.67 -8.68 38.76
CA TYR A 274 -18.27 -8.87 39.21
C TYR A 274 -17.69 -7.57 39.77
N ALA A 275 -16.95 -7.64 40.89
CA ALA A 275 -16.75 -6.53 41.83
C ALA A 275 -16.40 -5.18 41.16
N VAL A 276 -15.28 -5.12 40.44
CA VAL A 276 -15.05 -4.13 39.38
C VAL A 276 -14.73 -4.86 38.07
N PRO A 277 -15.53 -4.70 36.99
CA PRO A 277 -15.23 -5.29 35.69
C PRO A 277 -13.90 -4.80 35.10
N ALA A 278 -13.28 -5.60 34.23
CA ALA A 278 -12.02 -5.26 33.59
C ALA A 278 -12.20 -4.23 32.46
N LEU A 279 -12.05 -2.95 32.79
CA LEU A 279 -11.85 -1.88 31.81
C LEU A 279 -10.40 -1.98 31.32
N LYS A 280 -10.18 -2.56 30.14
CA LYS A 280 -8.85 -2.71 29.56
C LYS A 280 -8.36 -1.38 29.03
N TYR A 281 -9.25 -0.68 28.32
CA TYR A 281 -8.94 0.58 27.62
C TYR A 281 -9.98 1.66 27.90
N SER A 282 -9.53 2.91 27.93
CA SER A 282 -10.43 4.05 28.01
C SER A 282 -9.96 5.20 27.13
N MET A 283 -10.87 6.08 26.71
CA MET A 283 -10.59 7.16 25.77
C MET A 283 -10.84 8.54 26.36
N LEU A 284 -10.06 9.53 25.92
CA LEU A 284 -10.15 10.92 26.31
C LEU A 284 -10.25 11.80 25.06
N PHE A 285 -11.18 12.76 25.02
CA PHE A 285 -11.36 13.70 23.90
C PHE A 285 -11.02 15.15 24.32
N SER A 286 -10.17 15.81 23.55
CA SER A 286 -9.80 17.23 23.68
C SER A 286 -10.73 18.14 22.88
N PRO A 287 -11.06 19.36 23.33
CA PRO A 287 -11.90 20.31 22.57
C PRO A 287 -11.30 20.81 21.25
N THR A 288 -10.04 20.50 20.96
CA THR A 288 -9.38 20.79 19.68
C THR A 288 -9.91 19.90 18.57
N GLU A 289 -10.28 20.49 17.43
CA GLU A 289 -10.71 19.75 16.24
C GLU A 289 -9.52 18.98 15.64
N LYS A 290 -9.78 17.74 15.20
CA LYS A 290 -8.80 16.76 14.72
C LYS A 290 -8.18 17.21 13.39
N GLY A 291 -6.88 17.47 13.35
CA GLY A 291 -6.21 17.90 12.12
C GLY A 291 -4.84 18.53 12.32
N GLU A 292 -4.35 19.18 11.28
CA GLU A 292 -2.97 19.69 11.16
C GLU A 292 -2.59 20.78 12.17
N SER A 293 -3.55 21.40 12.85
CA SER A 293 -3.28 22.29 13.99
C SER A 293 -2.70 21.57 15.21
N MET A 294 -2.90 20.25 15.35
CA MET A 294 -2.34 19.43 16.42
C MET A 294 -0.85 19.13 16.29
N MET A 295 -0.22 19.49 15.16
CA MET A 295 1.14 19.07 14.83
C MET A 295 2.18 19.55 15.85
N ASN A 296 2.13 20.82 16.27
CA ASN A 296 3.04 21.37 17.28
C ASN A 296 2.86 20.70 18.66
N ILE A 297 1.61 20.49 19.10
CA ILE A 297 1.28 19.81 20.35
C ILE A 297 1.87 18.40 20.34
N TYR A 298 1.70 17.64 19.26
CA TYR A 298 2.28 16.31 19.15
C TYR A 298 3.80 16.31 19.24
N LEU A 299 4.45 17.11 18.38
CA LEU A 299 5.90 17.13 18.28
C LEU A 299 6.55 17.62 19.59
N ASP A 300 6.00 18.65 20.22
CA ASP A 300 6.54 19.20 21.47
C ASP A 300 6.27 18.33 22.71
N ASN A 301 5.11 17.66 22.81
CA ASN A 301 4.64 17.09 24.08
C ASN A 301 4.34 15.59 24.05
N PHE A 302 4.28 14.94 22.88
CA PHE A 302 3.98 13.51 22.76
C PHE A 302 5.07 12.70 22.04
N GLU A 303 5.75 13.27 21.05
CA GLU A 303 6.66 12.52 20.18
C GLU A 303 7.83 11.86 20.94
N ASN A 304 8.56 12.64 21.74
CA ASN A 304 9.77 12.19 22.46
C ASN A 304 9.49 11.55 23.84
N TRP A 305 8.28 11.70 24.37
CA TRP A 305 7.84 11.16 25.67
C TRP A 305 7.86 9.62 25.70
N ASN A 306 7.97 9.03 26.91
CA ASN A 306 7.91 7.58 27.12
C ASN A 306 6.48 7.02 27.28
N SER A 307 5.46 7.86 27.04
CA SER A 307 4.04 7.51 26.95
C SER A 307 3.40 6.90 28.20
N SER A 308 4.01 7.03 29.38
CA SER A 308 3.46 6.45 30.60
C SER A 308 3.55 7.39 31.81
N ASP A 309 2.47 7.48 32.58
CA ASP A 309 2.42 8.18 33.88
C ASP A 309 2.77 7.25 35.05
N GLY A 310 3.29 6.05 34.78
CA GLY A 310 3.49 4.97 35.77
C GLY A 310 2.21 4.26 36.22
N ILE A 311 1.05 4.94 36.15
CA ILE A 311 -0.28 4.36 36.40
C ILE A 311 -0.95 3.91 35.09
N THR A 312 -0.95 4.77 34.07
CA THR A 312 -1.56 4.53 32.76
C THR A 312 -0.61 4.86 31.63
N THR A 313 -0.66 4.08 30.55
CA THR A 313 0.13 4.26 29.34
C THR A 313 -0.78 4.73 28.21
N VAL A 314 -0.38 5.77 27.47
CA VAL A 314 -1.05 6.18 26.23
C VAL A 314 -0.69 5.21 25.13
N THR A 315 -1.61 4.32 24.77
CA THR A 315 -1.39 3.27 23.76
C THR A 315 -1.83 3.64 22.35
N GLY A 316 -2.79 4.55 22.18
CA GLY A 316 -3.27 4.99 20.88
C GLY A 316 -3.45 6.50 20.84
N ILE A 317 -3.23 7.12 19.69
CA ILE A 317 -3.45 8.55 19.47
C ILE A 317 -4.21 8.75 18.15
N GLU A 318 -5.20 9.64 18.18
CA GLU A 318 -5.92 10.10 16.99
C GLU A 318 -6.05 11.62 17.03
N PHE A 319 -5.04 12.30 16.48
CA PHE A 319 -4.96 13.75 16.32
C PHE A 319 -5.19 14.21 14.87
N GLY A 320 -5.44 13.32 13.90
CA GLY A 320 -5.65 13.70 12.50
C GLY A 320 -4.38 14.03 11.70
N ILE A 321 -3.19 13.82 12.27
CA ILE A 321 -1.88 14.20 11.70
C ILE A 321 -1.06 13.04 11.15
N LYS A 322 -1.59 11.84 10.98
CA LYS A 322 -0.81 10.66 10.58
C LYS A 322 -0.12 10.81 9.25
N HIS A 323 -0.81 11.29 8.22
CA HIS A 323 -0.26 11.54 6.88
C HIS A 323 0.56 12.84 6.77
N SER A 324 0.28 13.84 7.61
CA SER A 324 1.14 15.03 7.78
C SER A 324 2.50 14.68 8.39
N LEU A 325 2.52 13.83 9.43
CA LEU A 325 3.75 13.32 10.04
C LEU A 325 4.53 12.39 9.12
N PHE A 326 3.85 11.73 8.19
CA PHE A 326 4.44 10.73 7.33
C PHE A 326 5.53 11.29 6.46
N GLN A 327 5.29 12.44 5.86
CA GLN A 327 6.26 13.12 5.00
C GLN A 327 7.56 13.48 5.73
N ASP A 328 7.47 13.87 6.99
CA ASP A 328 8.64 14.26 7.77
C ASP A 328 9.54 13.06 8.07
N TYR A 329 8.99 11.97 8.58
CA TYR A 329 9.74 10.74 8.83
C TYR A 329 10.25 10.10 7.55
N LEU A 330 9.48 10.15 6.46
CA LEU A 330 9.86 9.64 5.16
C LEU A 330 11.16 10.26 4.63
N LEU A 331 11.34 11.56 4.80
CA LEU A 331 12.57 12.26 4.45
C LEU A 331 13.64 12.13 5.53
N MET A 332 13.31 12.27 6.81
CA MET A 332 14.29 12.12 7.90
C MET A 332 14.99 10.75 7.88
N ASP A 333 14.26 9.67 7.62
CA ASP A 333 14.81 8.33 7.58
C ASP A 333 15.73 8.06 6.37
N THR A 334 15.89 8.98 5.42
CA THR A 334 16.92 8.86 4.38
C THR A 334 18.36 8.93 4.92
N VAL A 335 18.53 9.21 6.22
CA VAL A 335 19.80 9.00 6.92
C VAL A 335 20.25 7.54 6.93
N TYR A 336 19.36 6.55 6.95
CA TYR A 336 19.77 5.13 7.01
C TYR A 336 20.37 4.58 5.71
N PRO A 337 19.82 4.84 4.50
CA PRO A 337 20.51 4.60 3.25
C PRO A 337 21.83 5.34 3.08
N ALA A 338 22.01 6.52 3.68
CA ALA A 338 23.27 7.25 3.69
C ALA A 338 24.33 6.54 4.55
N ILE A 339 23.97 6.02 5.72
CA ILE A 339 24.87 5.18 6.52
C ILE A 339 25.21 3.89 5.76
N ALA A 340 24.28 3.28 5.05
CA ALA A 340 24.54 2.11 4.23
C ALA A 340 25.58 2.38 3.16
N ILE A 341 25.55 3.51 2.46
CA ILE A 341 26.55 3.97 1.49
C ILE A 341 27.95 3.93 2.06
N ALA A 342 28.18 4.42 3.27
CA ALA A 342 29.49 4.39 3.92
C ALA A 342 29.99 2.97 4.21
N ILE A 343 29.12 2.05 4.64
CA ILE A 343 29.50 0.64 4.85
C ILE A 343 29.81 -0.07 3.53
N VAL A 344 29.03 0.18 2.47
CA VAL A 344 29.29 -0.38 1.13
C VAL A 344 30.60 0.19 0.55
N LEU A 345 30.91 1.47 0.76
CA LEU A 345 32.23 2.03 0.46
C LEU A 345 33.35 1.31 1.21
N LEU A 346 33.22 1.00 2.50
CA LEU A 346 34.22 0.23 3.23
C LEU A 346 34.40 -1.19 2.68
N ILE A 347 33.35 -1.97 2.47
CA ILE A 347 33.42 -3.33 1.91
C ILE A 347 34.20 -3.29 0.60
N MET A 348 33.87 -2.36 -0.27
CA MET A 348 34.44 -2.26 -1.59
C MET A 348 35.82 -1.63 -1.66
N CYS A 349 36.17 -0.75 -0.75
CA CYS A 349 37.53 -0.25 -0.64
C CYS A 349 38.51 -1.36 -0.23
N VAL A 350 38.17 -2.19 0.76
CA VAL A 350 39.02 -3.32 1.13
C VAL A 350 39.09 -4.35 -0.01
N TYR A 351 37.99 -4.67 -0.67
CA TYR A 351 38.01 -5.62 -1.75
C TYR A 351 38.86 -5.17 -2.92
N THR A 352 38.73 -3.92 -3.36
CA THR A 352 39.41 -3.44 -4.59
C THR A 352 40.77 -2.88 -4.32
N LYS A 353 41.05 -2.46 -3.08
CA LYS A 353 42.30 -1.84 -2.61
C LYS A 353 42.56 -0.45 -3.19
N SER A 354 41.51 0.30 -3.50
CA SER A 354 41.59 1.73 -3.82
C SER A 354 40.38 2.51 -3.32
N MET A 355 40.63 3.72 -2.84
CA MET A 355 39.58 4.70 -2.58
C MET A 355 39.12 5.33 -3.89
N PHE A 356 39.99 5.44 -4.90
CA PHE A 356 39.61 5.98 -6.21
C PHE A 356 38.54 5.16 -6.93
N ILE A 357 38.75 3.90 -7.26
CA ILE A 357 37.78 3.07 -7.95
C ILE A 357 36.51 2.93 -7.12
N THR A 358 36.63 2.81 -5.81
CA THR A 358 35.52 2.72 -4.87
C THR A 358 34.64 3.98 -4.87
N LEU A 359 35.19 5.18 -4.65
CA LEU A 359 34.38 6.41 -4.63
C LEU A 359 33.81 6.75 -5.99
N MET A 360 34.54 6.50 -7.07
CA MET A 360 34.04 6.66 -8.42
C MET A 360 32.92 5.67 -8.75
N THR A 361 32.88 4.48 -8.16
CA THR A 361 31.78 3.52 -8.29
C THR A 361 30.54 3.98 -7.57
N MET A 362 30.66 4.51 -6.37
CA MET A 362 29.57 5.10 -5.64
C MET A 362 29.05 6.41 -6.22
N PHE A 363 29.86 7.23 -6.86
CA PHE A 363 29.39 8.34 -7.70
C PHE A 363 28.51 7.85 -8.85
N ALA A 364 28.88 6.78 -9.54
CA ALA A 364 28.07 6.16 -10.58
C ALA A 364 26.75 5.58 -10.05
N ILE A 365 26.73 4.95 -8.89
CA ILE A 365 25.53 4.45 -8.24
C ILE A 365 24.55 5.59 -7.98
N ILE A 366 24.98 6.67 -7.37
CA ILE A 366 24.11 7.81 -7.08
C ILE A 366 23.71 8.55 -8.33
N SER A 367 24.57 8.67 -9.33
CA SER A 367 24.25 9.22 -10.65
C SER A 367 23.16 8.44 -11.38
N SER A 368 23.06 7.15 -11.25
CA SER A 368 22.01 6.37 -11.88
C SER A 368 20.61 6.66 -11.34
N LEU A 369 20.47 7.13 -10.11
CA LEU A 369 19.23 7.62 -9.52
C LEU A 369 18.82 8.98 -10.06
N ILE A 370 19.77 9.88 -10.21
CA ILE A 370 19.64 11.24 -10.74
C ILE A 370 19.24 11.21 -12.22
N VAL A 371 19.93 10.40 -13.01
CA VAL A 371 19.63 10.20 -14.43
C VAL A 371 18.28 9.51 -14.60
N SER A 372 17.97 8.48 -13.81
CA SER A 372 16.64 7.84 -13.84
C SER A 372 15.52 8.85 -13.56
N TYR A 373 15.70 9.77 -12.60
CA TYR A 373 14.74 10.82 -12.28
C TYR A 373 14.54 11.83 -13.41
N PHE A 374 15.61 12.27 -14.07
CA PHE A 374 15.51 13.05 -15.29
C PHE A 374 14.74 12.32 -16.40
N LEU A 375 15.05 11.06 -16.70
CA LEU A 375 14.32 10.30 -17.71
C LEU A 375 12.85 10.16 -17.33
N TYR A 376 12.54 9.84 -16.08
CA TYR A 376 11.19 9.62 -15.58
C TYR A 376 10.30 10.87 -15.69
N ARG A 377 10.77 12.01 -15.23
CA ARG A 377 9.96 13.22 -15.26
C ARG A 377 10.02 13.99 -16.58
N VAL A 378 11.15 13.98 -17.29
CA VAL A 378 11.33 14.83 -18.49
C VAL A 378 11.12 14.07 -19.79
N VAL A 379 11.66 12.85 -19.93
CA VAL A 379 11.58 12.08 -21.19
C VAL A 379 10.31 11.22 -21.24
N PHE A 380 10.00 10.51 -20.15
CA PHE A 380 8.81 9.65 -20.04
C PHE A 380 7.55 10.44 -19.64
N ASN A 381 7.71 11.68 -19.15
CA ASN A 381 6.65 12.59 -18.72
C ASN A 381 5.73 12.08 -17.59
N PHE A 382 6.20 11.24 -16.67
CA PHE A 382 5.41 10.86 -15.49
C PHE A 382 5.28 12.07 -14.54
N GLU A 383 4.05 12.52 -14.28
CA GLU A 383 3.76 13.65 -13.37
C GLU A 383 3.71 13.23 -11.89
N PHE A 384 3.33 12.00 -11.61
CA PHE A 384 3.22 11.41 -10.28
C PHE A 384 4.49 10.65 -9.89
N PHE A 385 5.02 10.95 -8.71
CA PHE A 385 6.12 10.25 -8.08
C PHE A 385 5.62 9.67 -6.74
N PRO A 386 5.29 8.37 -6.67
CA PRO A 386 4.89 7.69 -5.44
C PRO A 386 5.92 7.79 -4.34
N PHE A 387 5.59 7.69 -3.07
CA PHE A 387 6.63 7.59 -2.04
C PHE A 387 7.40 6.28 -2.13
N MET A 388 6.87 5.20 -2.72
CA MET A 388 7.60 3.96 -2.96
CA MET A 388 7.59 4.09 -3.01
C MET A 388 8.90 4.21 -3.72
N ASN A 389 8.98 5.19 -4.61
CA ASN A 389 10.17 5.49 -5.39
C ASN A 389 11.39 5.87 -4.54
N LEU A 390 11.20 6.44 -3.33
CA LEU A 390 12.29 6.68 -2.39
C LEU A 390 12.99 5.40 -1.94
N THR A 391 12.34 4.25 -1.95
CA THR A 391 12.96 2.97 -1.65
C THR A 391 13.93 2.47 -2.72
N ALA A 392 13.94 3.02 -3.93
CA ALA A 392 14.95 2.70 -4.93
C ALA A 392 16.34 3.17 -4.55
N LEU A 393 16.50 4.17 -3.70
CA LEU A 393 17.78 4.45 -3.07
C LEU A 393 18.28 3.29 -2.19
N ILE A 394 17.45 2.54 -1.51
CA ILE A 394 17.87 1.36 -0.73
C ILE A 394 18.28 0.21 -1.62
N ILE A 395 17.47 -0.11 -2.64
CA ILE A 395 17.76 -1.15 -3.62
C ILE A 395 19.07 -0.86 -4.35
N LEU A 396 19.30 0.34 -4.88
CA LEU A 396 20.49 0.61 -5.65
C LEU A 396 21.71 0.62 -4.80
N VAL A 397 21.68 1.08 -3.55
CA VAL A 397 22.84 0.99 -2.65
C VAL A 397 23.20 -0.47 -2.32
N GLY A 398 22.22 -1.36 -2.19
CA GLY A 398 22.47 -2.79 -1.97
C GLY A 398 23.03 -3.51 -3.21
N ILE A 399 22.33 -3.45 -4.34
CA ILE A 399 22.67 -4.22 -5.55
C ILE A 399 23.58 -3.49 -6.55
N GLY A 400 23.90 -2.22 -6.32
CA GLY A 400 24.68 -1.37 -7.23
C GLY A 400 26.12 -1.83 -7.42
N ALA A 401 26.83 -2.20 -6.36
CA ALA A 401 28.22 -2.64 -6.43
C ALA A 401 28.42 -4.07 -6.97
N ASP A 402 27.40 -4.92 -7.07
CA ASP A 402 27.55 -6.33 -7.51
C ASP A 402 28.44 -6.53 -8.73
N ASP A 403 28.29 -5.67 -9.74
CA ASP A 403 29.02 -5.71 -10.99
C ASP A 403 30.45 -5.18 -10.90
N ALA A 404 30.74 -4.24 -10.01
CA ALA A 404 32.08 -3.75 -9.77
C ALA A 404 32.98 -4.86 -9.20
N PHE A 405 32.48 -5.67 -8.28
CA PHE A 405 33.19 -6.85 -7.77
C PHE A 405 33.56 -7.84 -8.86
N VAL A 406 32.65 -8.09 -9.80
CA VAL A 406 32.88 -8.98 -10.95
C VAL A 406 33.91 -8.38 -11.90
N LEU A 407 33.76 -7.12 -12.34
CA LEU A 407 34.68 -6.51 -13.29
C LEU A 407 36.09 -6.37 -12.71
N CYS A 408 36.24 -5.99 -11.44
CA CYS A 408 37.54 -5.90 -10.78
C CYS A 408 38.21 -7.27 -10.67
N ASP A 409 37.46 -8.34 -10.40
CA ASP A 409 38.08 -9.69 -10.41
C ASP A 409 38.57 -10.02 -11.78
N VAL A 410 37.70 -9.98 -12.78
CA VAL A 410 38.07 -10.33 -14.13
C VAL A 410 39.26 -9.51 -14.61
N TRP A 411 39.37 -8.23 -14.28
CA TRP A 411 40.50 -7.42 -14.63
C TRP A 411 41.79 -7.99 -14.06
N ASN A 412 41.74 -8.49 -12.83
CA ASN A 412 42.88 -9.07 -12.17
C ASN A 412 43.22 -10.48 -12.62
N TYR A 413 42.26 -11.35 -12.92
CA TYR A 413 42.54 -12.56 -13.68
C TYR A 413 43.18 -12.26 -15.02
N THR A 414 42.68 -11.29 -15.78
CA THR A 414 43.25 -10.91 -17.09
C THR A 414 44.70 -10.45 -16.97
N LYS A 415 45.01 -9.60 -15.98
CA LYS A 415 46.38 -9.17 -15.67
C LYS A 415 47.30 -10.36 -15.38
N PHE A 416 46.88 -11.26 -14.49
CA PHE A 416 47.66 -12.43 -14.12
C PHE A 416 47.88 -13.41 -15.29
N ASP A 417 46.88 -13.59 -16.15
CA ASP A 417 46.94 -14.51 -17.30
C ASP A 417 47.89 -14.03 -18.42
N LYS A 418 47.96 -12.71 -18.66
CA LYS A 418 48.77 -12.11 -19.73
C LYS A 418 49.41 -10.78 -19.29
N PRO A 419 50.47 -10.83 -18.45
CA PRO A 419 50.97 -9.67 -17.72
C PRO A 419 51.71 -8.63 -18.57
N ARG A 420 52.05 -8.97 -19.83
CA ARG A 420 52.70 -8.09 -20.81
C ARG A 420 51.80 -7.63 -21.96
N ALA A 421 50.49 -7.90 -21.90
CA ALA A 421 49.51 -7.39 -22.87
C ALA A 421 49.36 -5.87 -22.74
N GLU A 422 49.16 -5.17 -23.87
CA GLU A 422 48.86 -3.73 -23.88
C GLU A 422 47.44 -3.43 -23.35
N THR A 423 47.20 -2.20 -22.90
CA THR A 423 45.96 -1.83 -22.19
C THR A 423 44.70 -2.14 -22.98
N SER A 424 44.69 -1.89 -24.30
CA SER A 424 43.53 -2.19 -25.15
C SER A 424 43.20 -3.69 -25.22
N GLU A 425 44.21 -4.57 -25.21
CA GLU A 425 43.98 -6.00 -25.12
C GLU A 425 43.42 -6.37 -23.73
N ALA A 426 44.02 -5.89 -22.65
CA ALA A 426 43.55 -6.15 -21.29
C ALA A 426 42.10 -5.68 -21.06
N VAL A 427 41.73 -4.51 -21.59
CA VAL A 427 40.35 -4.01 -21.57
C VAL A 427 39.42 -4.93 -22.36
N SER A 428 39.77 -5.25 -23.61
CA SER A 428 38.89 -6.07 -24.45
C SER A 428 38.65 -7.46 -23.86
N VAL A 429 39.70 -8.14 -23.37
CA VAL A 429 39.58 -9.44 -22.70
C VAL A 429 38.75 -9.34 -21.43
N THR A 430 38.94 -8.32 -20.59
CA THR A 430 38.11 -8.12 -19.42
C THR A 430 36.65 -7.91 -19.75
N LEU A 431 36.32 -7.12 -20.78
CA LEU A 431 34.94 -6.92 -21.21
C LEU A 431 34.35 -8.16 -21.83
N GLN A 432 35.07 -8.90 -22.65
CA GLN A 432 34.62 -10.18 -23.21
C GLN A 432 34.23 -11.20 -22.13
N HIS A 433 34.95 -11.24 -21.01
CA HIS A 433 34.66 -12.14 -19.89
C HIS A 433 33.58 -11.63 -18.94
N ALA A 434 33.51 -10.32 -18.68
CA ALA A 434 32.60 -9.75 -17.69
C ALA A 434 31.27 -9.19 -18.24
N ALA A 435 31.25 -8.56 -19.41
CA ALA A 435 30.15 -7.66 -19.79
C ALA A 435 28.77 -8.29 -19.95
N LEU A 436 28.67 -9.55 -20.34
CA LEU A 436 27.42 -10.30 -20.47
C LEU A 436 26.85 -10.77 -19.13
N SER A 437 27.67 -11.31 -18.24
CA SER A 437 27.21 -11.76 -16.92
C SER A 437 26.76 -10.58 -16.07
N MET A 438 27.47 -9.46 -16.14
CA MET A 438 27.01 -8.21 -15.53
C MET A 438 25.66 -7.78 -16.09
N PHE A 439 25.45 -7.86 -17.41
CA PHE A 439 24.18 -7.51 -18.02
C PHE A 439 23.05 -8.44 -17.57
N VAL A 440 23.19 -9.75 -17.69
CA VAL A 440 22.16 -10.74 -17.37
C VAL A 440 21.69 -10.63 -15.92
N THR A 441 22.60 -10.38 -14.97
CA THR A 441 22.21 -10.20 -13.58
C THR A 441 21.43 -8.91 -13.33
N SER A 442 21.76 -7.85 -14.07
CA SER A 442 21.08 -6.57 -14.05
C SER A 442 19.72 -6.63 -14.74
N PHE A 443 19.67 -7.14 -15.96
CA PHE A 443 18.48 -7.30 -16.76
C PHE A 443 17.42 -8.17 -16.09
N THR A 444 17.78 -9.28 -15.45
CA THR A 444 16.83 -10.09 -14.66
C THR A 444 16.20 -9.32 -13.51
N THR A 445 16.94 -8.43 -12.88
CA THR A 445 16.41 -7.63 -11.79
C THR A 445 15.62 -6.41 -12.29
N ALA A 446 16.04 -5.73 -13.35
CA ALA A 446 15.28 -4.65 -13.99
C ALA A 446 13.95 -5.15 -14.57
N ALA A 447 13.97 -6.28 -15.28
CA ALA A 447 12.80 -6.92 -15.86
C ALA A 447 11.76 -7.30 -14.79
N ALA A 448 12.20 -7.73 -13.62
CA ALA A 448 11.29 -8.07 -12.51
C ALA A 448 10.53 -6.85 -11.96
N PHE A 449 11.16 -5.67 -11.94
CA PHE A 449 10.54 -4.37 -11.66
C PHE A 449 9.66 -3.90 -12.81
N TYR A 450 10.09 -3.92 -14.05
CA TYR A 450 9.24 -3.54 -15.20
C TYR A 450 8.02 -4.46 -15.37
N ALA A 451 8.07 -5.74 -14.98
CA ALA A 451 6.91 -6.62 -14.97
C ALA A 451 5.76 -6.14 -14.07
N ASN A 452 6.02 -5.28 -13.08
CA ASN A 452 4.99 -4.64 -12.27
C ASN A 452 4.22 -3.50 -12.98
N TYR A 453 4.65 -3.06 -14.16
CA TYR A 453 3.85 -2.17 -15.02
C TYR A 453 2.59 -2.86 -15.60
N VAL A 454 2.45 -4.18 -15.48
CA VAL A 454 1.21 -4.93 -15.76
C VAL A 454 0.15 -4.81 -14.64
N SER A 455 0.51 -4.23 -13.48
CA SER A 455 -0.45 -3.93 -12.42
C SER A 455 -1.53 -2.92 -12.85
N ASN A 456 -2.74 -3.03 -12.32
CA ASN A 456 -3.77 -1.99 -12.43
C ASN A 456 -3.59 -0.84 -11.42
N ILE A 457 -2.80 -1.02 -10.37
CA ILE A 457 -2.60 -0.06 -9.27
C ILE A 457 -1.52 0.94 -9.68
N THR A 458 -1.86 2.23 -9.79
CA THR A 458 -0.98 3.25 -10.37
C THR A 458 0.37 3.40 -9.67
N ALA A 459 0.43 3.34 -8.34
CA ALA A 459 1.65 3.45 -7.59
C ALA A 459 2.65 2.32 -7.92
N ILE A 460 2.19 1.09 -8.11
CA ILE A 460 2.99 -0.08 -8.48
C ILE A 460 3.58 0.07 -9.88
N ARG A 461 2.83 0.61 -10.84
CA ARG A 461 3.36 0.82 -12.19
C ARG A 461 4.47 1.85 -12.20
N CYS A 462 4.26 2.97 -11.52
CA CYS A 462 5.23 4.05 -11.40
C CYS A 462 6.53 3.61 -10.74
N PHE A 463 6.45 2.85 -9.65
CA PHE A 463 7.62 2.31 -8.96
C PHE A 463 8.42 1.30 -9.80
N GLY A 464 7.74 0.40 -10.53
CA GLY A 464 8.39 -0.53 -11.45
C GLY A 464 9.22 0.17 -12.52
N VAL A 465 8.71 1.25 -13.10
CA VAL A 465 9.42 2.04 -14.11
C VAL A 465 10.61 2.79 -13.54
N TYR A 466 10.49 3.41 -12.38
CA TYR A 466 11.59 4.16 -11.79
C TYR A 466 12.77 3.27 -11.36
N ALA A 467 12.52 2.21 -10.62
CA ALA A 467 13.50 1.25 -10.18
C ALA A 467 14.09 0.39 -11.30
N GLY A 468 13.34 -0.04 -12.28
CA GLY A 468 13.86 -0.72 -13.47
C GLY A 468 14.80 0.15 -14.30
N THR A 469 14.50 1.44 -14.41
CA THR A 469 15.35 2.40 -15.13
C THR A 469 16.65 2.69 -14.41
N ALA A 470 16.65 2.83 -13.10
CA ALA A 470 17.86 3.07 -12.37
C ALA A 470 18.82 1.91 -12.51
N ILE A 471 18.31 0.67 -12.49
CA ILE A 471 19.11 -0.55 -12.57
C ILE A 471 19.81 -0.68 -13.93
N LEU A 472 19.14 -0.30 -15.03
CA LEU A 472 19.74 -0.31 -16.36
C LEU A 472 20.72 0.84 -16.60
N VAL A 473 20.43 2.05 -16.13
CA VAL A 473 21.38 3.17 -16.12
C VAL A 473 22.63 2.82 -15.32
N ASN A 474 22.50 2.16 -14.17
CA ASN A 474 23.65 1.69 -13.40
C ASN A 474 24.50 0.68 -14.19
N TYR A 475 23.91 -0.26 -14.93
CA TYR A 475 24.68 -1.17 -15.76
C TYR A 475 25.48 -0.44 -16.85
N VAL A 476 24.89 0.54 -17.53
CA VAL A 476 25.59 1.32 -18.56
C VAL A 476 26.82 2.01 -17.98
N LEU A 477 26.74 2.57 -16.79
CA LEU A 477 27.90 3.15 -16.12
C LEU A 477 28.95 2.10 -15.74
N MET A 478 28.57 0.89 -15.35
CA MET A 478 29.53 -0.18 -15.01
C MET A 478 30.34 -0.72 -16.19
N VAL A 479 29.91 -0.53 -17.44
CA VAL A 479 30.64 -0.88 -18.66
C VAL A 479 31.17 0.30 -19.45
N THR A 480 31.07 1.52 -18.94
CA THR A 480 31.62 2.74 -19.56
C THR A 480 32.52 3.48 -18.58
N TRP A 481 31.93 4.11 -17.57
CA TRP A 481 32.59 4.85 -16.50
C TRP A 481 33.59 4.01 -15.72
N LEU A 482 33.21 2.83 -15.22
CA LEU A 482 34.07 1.98 -14.42
C LEU A 482 35.27 1.36 -15.18
N PRO A 483 35.21 0.85 -16.41
CA PRO A 483 36.38 0.57 -17.22
C PRO A 483 37.34 1.75 -17.46
N ALA A 484 36.87 2.97 -17.73
CA ALA A 484 37.72 4.15 -17.87
C ALA A 484 38.39 4.57 -16.55
N VAL A 485 37.70 4.44 -15.42
CA VAL A 485 38.25 4.64 -14.07
C VAL A 485 39.34 3.61 -13.75
N ILE A 486 39.15 2.36 -14.11
CA ILE A 486 40.15 1.31 -13.91
C ILE A 486 41.41 1.58 -14.72
N VAL A 487 41.29 2.02 -15.97
CA VAL A 487 42.41 2.46 -16.81
C VAL A 487 43.15 3.66 -16.20
N LEU A 488 42.44 4.70 -15.75
CA LEU A 488 43.08 5.86 -15.10
C LEU A 488 43.80 5.51 -13.80
N HIS A 489 43.25 4.60 -13.00
CA HIS A 489 43.92 4.12 -11.81
C HIS A 489 45.26 3.48 -12.14
N GLU A 490 45.27 2.53 -13.07
CA GLU A 490 46.48 1.83 -13.52
C GLU A 490 47.54 2.76 -14.10
N ARG A 491 47.12 3.80 -14.83
CA ARG A 491 48.02 4.72 -15.53
C ARG A 491 48.71 5.73 -14.63
N TYR A 492 48.04 6.24 -13.59
CA TYR A 492 48.58 7.30 -12.73
C TYR A 492 48.61 6.91 -11.26
N LEU A 493 47.46 6.62 -10.67
CA LEU A 493 47.31 6.46 -9.22
C LEU A 493 48.01 5.21 -8.70
N LEU A 494 48.14 4.17 -9.52
CA LEU A 494 48.91 2.96 -9.22
C LEU A 494 50.42 3.22 -9.09
N ASN A 495 50.93 4.31 -9.69
CA ASN A 495 52.29 4.79 -9.44
C ASN A 495 52.36 5.69 -8.19
N ILE A 496 51.38 6.58 -8.03
CA ILE A 496 51.38 7.66 -7.02
C ILE A 496 51.05 7.16 -5.59
N PHE A 497 49.97 6.39 -5.42
CA PHE A 497 49.36 6.07 -4.13
C PHE A 497 49.30 7.28 -3.17
N CYS A 512 52.99 7.56 14.87
CA CYS A 512 52.68 6.15 14.69
C CYS A 512 52.59 5.74 13.21
N TRP A 513 52.41 6.68 12.28
CA TRP A 513 52.08 6.40 10.87
C TRP A 513 53.04 5.40 10.19
N ALA A 514 54.34 5.53 10.45
CA ALA A 514 55.39 4.70 9.85
C ALA A 514 55.33 3.21 10.24
N VAL A 515 54.67 2.86 11.36
CA VAL A 515 54.32 1.47 11.69
C VAL A 515 52.84 1.16 11.41
N LEU A 516 51.94 2.13 11.55
CA LEU A 516 50.52 1.94 11.26
C LEU A 516 50.27 1.51 9.80
N CYS A 517 50.97 2.10 8.83
CA CYS A 517 50.89 1.66 7.44
C CYS A 517 51.36 0.19 7.25
N GLN A 518 52.42 -0.23 7.94
CA GLN A 518 52.89 -1.62 7.92
C GLN A 518 51.92 -2.58 8.62
N LYS A 519 51.36 -2.19 9.78
CA LYS A 519 50.35 -2.96 10.51
C LYS A 519 49.07 -3.15 9.68
N CYS A 520 48.64 -2.09 9.01
CA CYS A 520 47.54 -2.12 8.05
C CYS A 520 47.85 -3.09 6.89
N ARG A 521 49.01 -2.96 6.27
CA ARG A 521 49.38 -3.86 5.18
C ARG A 521 49.35 -5.36 5.58
N ARG A 522 49.98 -5.70 6.71
CA ARG A 522 50.00 -7.10 7.15
C ARG A 522 48.62 -7.65 7.54
N VAL A 523 47.73 -6.89 8.19
CA VAL A 523 46.37 -7.38 8.45
C VAL A 523 45.53 -7.48 7.17
N LEU A 524 45.65 -6.54 6.22
CA LEU A 524 45.00 -6.64 4.91
C LEU A 524 45.47 -7.89 4.14
N PHE A 525 46.77 -8.16 4.15
CA PHE A 525 47.34 -9.39 3.58
C PHE A 525 46.76 -10.65 4.24
N ALA A 526 46.73 -10.72 5.57
CA ALA A 526 46.19 -11.86 6.30
C ALA A 526 44.70 -12.11 6.00
N VAL A 527 43.88 -11.05 5.97
CA VAL A 527 42.48 -11.11 5.56
C VAL A 527 42.32 -11.65 4.14
N SER A 528 43.17 -11.22 3.21
CA SER A 528 43.09 -11.69 1.84
C SER A 528 43.54 -13.15 1.67
N GLU A 529 44.60 -13.59 2.33
CA GLU A 529 45.00 -14.99 2.33
C GLU A 529 43.93 -15.87 2.99
N ALA A 530 43.32 -15.46 4.10
CA ALA A 530 42.23 -16.19 4.73
C ALA A 530 41.02 -16.33 3.79
N SER A 531 40.65 -15.24 3.10
CA SER A 531 39.61 -15.24 2.07
C SER A 531 39.94 -16.21 0.93
N ARG A 532 41.16 -16.18 0.42
CA ARG A 532 41.58 -17.10 -0.64
C ARG A 532 41.59 -18.57 -0.22
N ILE A 533 42.10 -18.89 0.96
CA ILE A 533 42.07 -20.27 1.47
C ILE A 533 40.64 -20.74 1.70
N PHE A 534 39.73 -19.88 2.15
CA PHE A 534 38.34 -20.29 2.27
C PHE A 534 37.70 -20.65 0.94
N PHE A 535 37.74 -19.74 -0.04
CA PHE A 535 37.05 -19.94 -1.30
C PHE A 535 37.75 -20.95 -2.18
N GLU A 536 39.07 -21.14 -2.13
CA GLU A 536 39.76 -22.14 -2.94
C GLU A 536 39.87 -23.53 -2.33
N LYS A 537 39.90 -23.67 -1.01
CA LYS A 537 40.20 -24.95 -0.31
C LYS A 537 39.10 -25.38 0.65
N VAL A 538 38.63 -24.50 1.54
CA VAL A 538 37.70 -24.86 2.61
C VAL A 538 36.28 -25.10 2.07
N LEU A 539 35.70 -24.13 1.37
CA LEU A 539 34.33 -24.23 0.88
C LEU A 539 34.11 -25.38 -0.11
N PRO A 540 34.97 -25.68 -1.09
CA PRO A 540 34.75 -26.82 -1.99
C PRO A 540 34.71 -28.17 -1.27
N CYS A 541 35.53 -28.37 -0.25
CA CYS A 541 35.52 -29.59 0.54
C CYS A 541 34.19 -29.76 1.31
N ILE A 542 33.66 -28.69 1.91
CA ILE A 542 32.36 -28.69 2.59
C ILE A 542 31.20 -28.96 1.63
N VAL A 543 31.19 -28.36 0.45
CA VAL A 543 30.14 -28.61 -0.54
C VAL A 543 30.19 -30.07 -1.02
N ILE A 544 31.37 -30.58 -1.41
CA ILE A 544 31.49 -31.90 -2.06
C ILE A 544 31.36 -33.06 -1.07
N LYS A 545 31.99 -33.00 0.10
CA LYS A 545 32.00 -34.09 1.08
C LYS A 545 30.61 -34.35 1.68
N PHE A 546 29.84 -33.29 1.89
CA PHE A 546 28.50 -33.32 2.48
C PHE A 546 27.37 -33.19 1.46
N ARG A 547 27.65 -33.46 0.18
CA ARG A 547 26.64 -33.31 -0.86
C ARG A 547 25.30 -34.04 -0.65
N TYR A 548 25.30 -35.24 -0.06
CA TYR A 548 24.06 -35.97 0.22
C TYR A 548 23.28 -35.40 1.41
N LEU A 549 23.96 -34.86 2.42
CA LEU A 549 23.32 -34.05 3.46
C LEU A 549 22.64 -32.83 2.84
N TRP A 550 23.34 -32.09 1.96
CA TRP A 550 22.80 -30.89 1.33
C TRP A 550 21.59 -31.21 0.46
N LEU A 551 21.65 -32.22 -0.38
CA LEU A 551 20.52 -32.58 -1.23
C LEU A 551 19.25 -32.92 -0.43
N ILE A 552 19.37 -33.67 0.66
CA ILE A 552 18.22 -34.01 1.52
C ILE A 552 17.73 -32.77 2.30
N TRP A 553 18.63 -31.99 2.89
CA TRP A 553 18.28 -30.82 3.70
C TRP A 553 17.58 -29.71 2.89
N PHE A 554 18.14 -29.31 1.74
CA PHE A 554 17.56 -28.24 0.92
C PHE A 554 16.29 -28.69 0.19
N LEU A 555 16.10 -29.99 -0.07
CA LEU A 555 14.80 -30.47 -0.55
C LEU A 555 13.74 -30.44 0.55
N ALA A 556 14.06 -30.84 1.78
CA ALA A 556 13.13 -30.75 2.91
C ALA A 556 12.69 -29.30 3.16
N LEU A 557 13.61 -28.33 3.13
CA LEU A 557 13.27 -26.89 3.18
C LEU A 557 12.35 -26.47 2.04
N THR A 558 12.62 -26.90 0.81
CA THR A 558 11.79 -26.57 -0.36
C THR A 558 10.38 -27.14 -0.25
N VAL A 559 10.23 -28.37 0.21
CA VAL A 559 8.91 -29.00 0.45
C VAL A 559 8.18 -28.30 1.61
N GLY A 560 8.86 -27.94 2.69
CA GLY A 560 8.27 -27.13 3.76
C GLY A 560 7.75 -25.78 3.26
N GLY A 561 8.57 -25.01 2.54
CA GLY A 561 8.17 -23.75 1.94
C GLY A 561 6.99 -23.90 0.98
N ALA A 562 6.99 -24.91 0.12
CA ALA A 562 5.87 -25.19 -0.78
C ALA A 562 4.58 -25.55 -0.03
N TYR A 563 4.64 -26.32 1.05
CA TYR A 563 3.49 -26.59 1.91
C TYR A 563 2.95 -25.30 2.56
N ILE A 564 3.81 -24.44 3.09
CA ILE A 564 3.39 -23.18 3.73
C ILE A 564 2.75 -22.23 2.69
N VAL A 565 3.38 -22.05 1.53
CA VAL A 565 2.86 -21.12 0.51
C VAL A 565 1.61 -21.66 -0.17
N CYS A 566 1.57 -22.95 -0.50
CA CYS A 566 0.53 -23.53 -1.36
C CYS A 566 -0.57 -24.30 -0.62
N VAL A 567 -0.41 -24.64 0.65
CA VAL A 567 -1.36 -25.48 1.42
C VAL A 567 -1.83 -24.78 2.69
N ASN A 568 -0.98 -24.57 3.69
CA ASN A 568 -1.40 -24.03 4.99
C ASN A 568 -0.23 -23.52 5.86
N PRO A 569 -0.34 -22.35 6.51
CA PRO A 569 -1.30 -21.27 6.23
C PRO A 569 -0.86 -20.53 4.96
N LYS A 570 -1.73 -20.36 3.96
CA LYS A 570 -1.35 -19.64 2.73
C LYS A 570 -1.07 -18.15 3.01
N MET A 571 -0.47 -17.42 2.07
CA MET A 571 -0.43 -15.95 2.17
C MET A 571 -1.83 -15.35 2.05
N LYS A 572 -2.20 -14.42 2.95
CA LYS A 572 -3.51 -13.75 2.95
C LYS A 572 -3.49 -12.41 2.21
N LEU A 573 -4.62 -12.02 1.64
CA LEU A 573 -4.87 -10.67 1.11
C LEU A 573 -5.05 -9.64 2.25
N PRO A 574 -4.99 -8.34 1.98
CA PRO A 574 -5.25 -7.31 2.98
C PRO A 574 -6.61 -7.44 3.68
N SER A 575 -6.63 -7.12 4.96
CA SER A 575 -7.77 -7.33 5.84
C SER A 575 -8.29 -6.07 6.53
N LEU A 576 -7.70 -4.89 6.29
CA LEU A 576 -8.12 -3.56 6.71
C LEU A 576 -8.47 -2.74 5.47
N GLU A 577 -9.43 -1.84 5.51
CA GLU A 577 -9.69 -0.90 4.40
C GLU A 577 -8.59 0.16 4.22
N LEU A 578 -8.55 0.75 3.03
CA LEU A 578 -7.48 1.63 2.57
C LEU A 578 -7.22 2.84 3.48
N SER A 579 -8.23 3.45 4.09
CA SER A 579 -8.08 4.54 5.05
C SER A 579 -7.33 4.16 6.34
N GLU A 580 -7.37 2.88 6.72
CA GLU A 580 -6.67 2.34 7.90
C GLU A 580 -5.29 1.75 7.56
N PHE A 581 -4.83 1.83 6.30
CA PHE A 581 -3.56 1.25 5.88
C PHE A 581 -2.37 1.77 6.66
N GLN A 582 -1.56 0.84 7.11
CA GLN A 582 -0.45 1.08 7.97
C GLN A 582 0.74 1.69 7.21
N VAL A 583 1.22 2.85 7.65
CA VAL A 583 2.40 3.55 7.11
C VAL A 583 3.61 3.48 8.03
N PHE A 584 3.41 3.34 9.34
CA PHE A 584 4.44 3.22 10.36
C PHE A 584 4.52 1.83 10.87
N ARG A 585 5.56 1.48 11.62
CA ARG A 585 5.60 0.19 12.32
C ARG A 585 4.50 0.05 13.37
N SER A 586 4.10 -1.16 13.67
CA SER A 586 2.94 -1.46 14.49
C SER A 586 3.04 -0.99 15.91
N SER A 587 4.25 -0.72 16.41
CA SER A 587 4.55 -0.08 17.69
C SER A 587 4.05 1.36 17.80
N HIS A 588 3.88 2.09 16.68
CA HIS A 588 3.54 3.51 16.69
C HIS A 588 2.10 3.74 17.15
N PRO A 589 1.81 4.70 18.05
CA PRO A 589 0.47 4.90 18.61
C PRO A 589 -0.61 5.21 17.58
N PHE A 590 -0.27 5.78 16.44
CA PHE A 590 -1.18 6.07 15.39
C PHE A 590 -1.60 4.80 14.69
N GLU A 591 -0.75 3.78 14.62
CA GLU A 591 -1.08 2.50 13.98
C GLU A 591 -1.88 1.60 14.90
N ARG A 592 -1.57 1.58 16.19
CA ARG A 592 -2.39 0.87 17.19
C ARG A 592 -3.81 1.39 17.29
N TYR A 593 -4.04 2.68 17.06
CA TYR A 593 -5.40 3.22 16.96
C TYR A 593 -6.19 2.59 15.80
N ASP A 594 -5.67 2.58 14.58
CA ASP A 594 -6.36 1.99 13.46
C ASP A 594 -6.46 0.47 13.50
N ALA A 595 -5.44 -0.25 13.98
CA ALA A 595 -5.43 -1.70 13.95
C ALA A 595 -6.13 -2.35 15.14
N GLU A 596 -6.00 -1.80 16.34
CA GLU A 596 -6.54 -2.39 17.57
C GLU A 596 -7.76 -1.65 18.10
N PHE A 597 -7.68 -0.33 18.32
CA PHE A 597 -8.68 0.38 19.12
C PHE A 597 -9.95 0.75 18.37
N LYS A 598 -9.93 1.00 17.05
CA LYS A 598 -11.16 1.26 16.27
C LYS A 598 -12.21 0.13 16.36
N LYS A 599 -11.81 -1.12 16.61
CA LYS A 599 -12.74 -2.24 16.80
C LYS A 599 -13.20 -2.46 18.26
N LEU A 600 -12.64 -1.77 19.25
CA LEU A 600 -12.98 -1.94 20.66
C LEU A 600 -13.93 -0.88 21.26
N PHE A 601 -14.19 0.24 20.59
CA PHE A 601 -15.04 1.33 21.10
C PHE A 601 -16.34 1.44 20.29
N MET A 602 -17.48 1.49 20.97
CA MET A 602 -18.79 1.35 20.31
C MET A 602 -19.02 2.43 19.25
N PHE A 603 -18.67 3.69 19.52
CA PHE A 603 -18.80 4.77 18.53
C PHE A 603 -17.96 4.55 17.25
N GLU A 604 -16.81 3.87 17.35
CA GLU A 604 -15.96 3.54 16.20
C GLU A 604 -16.49 2.30 15.45
N ARG A 605 -17.14 1.38 16.15
CA ARG A 605 -17.77 0.22 15.48
C ARG A 605 -19.04 0.61 14.70
N VAL A 606 -19.95 1.38 15.32
CA VAL A 606 -21.22 1.76 14.67
C VAL A 606 -21.06 2.76 13.53
N HIS A 607 -19.86 3.30 13.32
CA HIS A 607 -19.53 4.18 12.19
C HIS A 607 -19.75 3.49 10.83
N HIS A 608 -19.78 2.15 10.80
CA HIS A 608 -20.21 1.33 9.66
C HIS A 608 -21.07 0.15 10.15
N GLY A 609 -20.50 -0.77 10.92
CA GLY A 609 -21.22 -1.84 11.63
C GLY A 609 -21.53 -3.10 10.80
N GLU A 610 -22.11 -4.09 11.48
CA GLU A 610 -22.32 -5.45 10.97
C GLU A 610 -23.58 -5.60 10.09
N GLU A 611 -24.60 -4.77 10.30
CA GLU A 611 -25.91 -4.87 9.61
C GLU A 611 -26.01 -3.97 8.37
N LEU A 612 -24.88 -3.55 7.78
CA LEU A 612 -24.86 -2.99 6.44
C LEU A 612 -25.19 -4.09 5.43
N HIS A 613 -26.38 -4.06 4.85
CA HIS A 613 -26.70 -4.81 3.64
C HIS A 613 -25.99 -4.19 2.43
N MET A 614 -25.57 -5.00 1.47
CA MET A 614 -25.01 -4.49 0.21
C MET A 614 -26.10 -3.83 -0.63
N PRO A 615 -25.93 -2.56 -1.07
CA PRO A 615 -26.82 -1.99 -2.07
C PRO A 615 -26.57 -2.61 -3.43
N ILE A 616 -27.62 -2.75 -4.24
CA ILE A 616 -27.54 -3.12 -5.65
C ILE A 616 -28.03 -1.91 -6.43
N THR A 617 -27.12 -1.14 -7.02
CA THR A 617 -27.45 0.10 -7.75
C THR A 617 -27.33 -0.19 -9.23
N VAL A 618 -28.34 0.10 -10.03
CA VAL A 618 -28.35 -0.14 -11.48
C VAL A 618 -28.61 1.15 -12.24
N ILE A 619 -27.74 1.49 -13.19
CA ILE A 619 -27.66 2.81 -13.82
C ILE A 619 -27.73 2.67 -15.32
N TRP A 620 -28.48 3.56 -15.98
CA TRP A 620 -28.61 3.67 -17.45
C TRP A 620 -28.38 5.10 -17.93
N GLY A 621 -27.96 5.27 -19.19
CA GLY A 621 -27.81 6.58 -19.83
C GLY A 621 -26.44 7.24 -19.66
N VAL A 622 -25.55 6.64 -18.87
CA VAL A 622 -24.16 7.06 -18.67
C VAL A 622 -23.23 5.91 -19.06
N SER A 623 -22.16 6.17 -19.79
CA SER A 623 -21.17 5.16 -20.18
C SER A 623 -20.19 4.85 -19.03
N PRO A 624 -20.00 3.58 -18.62
CA PRO A 624 -19.10 3.20 -17.52
C PRO A 624 -17.63 3.20 -17.95
N GLU A 625 -17.04 4.37 -18.14
CA GLU A 625 -15.70 4.55 -18.72
C GLU A 625 -14.89 5.57 -17.93
N ASP A 626 -13.63 5.27 -17.64
CA ASP A 626 -12.68 6.28 -17.14
C ASP A 626 -11.89 6.90 -18.32
N SER A 627 -12.17 8.17 -18.61
CA SER A 627 -11.49 8.95 -19.65
C SER A 627 -10.29 9.76 -19.13
N GLY A 628 -9.93 9.64 -17.85
CA GLY A 628 -8.74 10.25 -17.27
C GLY A 628 -7.44 9.53 -17.60
N ASP A 629 -6.30 10.12 -17.25
CA ASP A 629 -4.97 9.50 -17.43
C ASP A 629 -4.69 8.47 -16.32
N PRO A 630 -4.53 7.17 -16.63
CA PRO A 630 -4.37 6.13 -15.61
C PRO A 630 -3.06 6.24 -14.80
N LEU A 631 -2.03 6.90 -15.32
CA LEU A 631 -0.78 7.11 -14.58
C LEU A 631 -0.79 8.36 -13.70
N ASN A 632 -1.74 9.28 -13.90
CA ASN A 632 -1.92 10.43 -13.02
C ASN A 632 -3.10 10.15 -12.06
N PRO A 633 -2.89 9.90 -10.77
CA PRO A 633 -3.96 9.52 -9.84
C PRO A 633 -5.01 10.61 -9.65
N LYS A 634 -4.61 11.88 -9.82
CA LYS A 634 -5.49 13.05 -9.72
C LYS A 634 -6.31 13.32 -10.98
N SER A 635 -5.93 12.75 -12.13
CA SER A 635 -6.64 12.88 -13.41
C SER A 635 -7.78 11.86 -13.51
N LYS A 636 -8.90 12.14 -12.85
CA LYS A 636 -10.19 11.51 -13.19
C LYS A 636 -10.82 12.26 -14.36
N GLY A 637 -11.48 11.54 -15.26
CA GLY A 637 -11.91 12.10 -16.54
C GLY A 637 -13.20 12.94 -16.48
N GLU A 638 -13.90 12.97 -17.59
CA GLU A 638 -15.18 13.65 -17.77
C GLU A 638 -16.35 12.63 -17.92
N LEU A 639 -17.46 12.91 -17.26
CA LEU A 639 -18.73 12.18 -17.36
C LEU A 639 -19.22 12.07 -18.83
N THR A 640 -19.48 10.86 -19.33
CA THR A 640 -19.93 10.61 -20.72
C THR A 640 -21.36 10.06 -20.75
N LEU A 641 -22.28 10.74 -21.43
CA LEU A 641 -23.66 10.29 -21.61
C LEU A 641 -23.80 9.35 -22.83
N ASP A 642 -24.66 8.35 -22.72
CA ASP A 642 -24.94 7.38 -23.78
C ASP A 642 -26.10 7.87 -24.66
N SER A 643 -25.81 8.34 -25.88
CA SER A 643 -26.80 8.90 -26.80
C SER A 643 -27.86 7.89 -27.29
N THR A 644 -27.68 6.59 -27.08
CA THR A 644 -28.66 5.56 -27.50
C THR A 644 -29.76 5.32 -26.46
N PHE A 645 -29.60 5.81 -25.24
CA PHE A 645 -30.55 5.63 -24.13
C PHE A 645 -31.93 6.24 -24.43
N ASN A 646 -33.00 5.55 -24.00
CA ASN A 646 -34.35 6.10 -23.92
C ASN A 646 -35.19 5.34 -22.89
N ILE A 647 -35.50 5.96 -21.74
CA ILE A 647 -36.42 5.41 -20.74
C ILE A 647 -37.90 5.55 -21.13
N ALA A 648 -38.26 6.64 -21.80
CA ALA A 648 -39.65 7.04 -21.97
C ALA A 648 -40.40 6.25 -23.07
N SER A 649 -39.70 5.43 -23.87
CA SER A 649 -40.35 4.50 -24.80
C SER A 649 -41.32 3.56 -24.07
N PRO A 650 -42.51 3.25 -24.61
CA PRO A 650 -43.44 2.30 -23.99
C PRO A 650 -42.83 0.92 -23.75
N ALA A 651 -41.93 0.45 -24.62
CA ALA A 651 -41.18 -0.79 -24.41
C ALA A 651 -40.20 -0.70 -23.22
N SER A 652 -39.48 0.40 -23.10
CA SER A 652 -38.57 0.67 -21.98
C SER A 652 -39.32 0.76 -20.64
N GLN A 653 -40.48 1.43 -20.62
CA GLN A 653 -41.33 1.49 -19.41
C GLN A 653 -41.82 0.09 -18.98
N ALA A 654 -42.30 -0.71 -19.93
CA ALA A 654 -42.77 -2.06 -19.65
C ALA A 654 -41.65 -2.97 -19.14
N TRP A 655 -40.49 -2.98 -19.81
CA TRP A 655 -39.39 -3.84 -19.39
C TRP A 655 -38.82 -3.47 -18.03
N ILE A 656 -38.60 -2.19 -17.73
CA ILE A 656 -37.91 -1.81 -16.49
C ILE A 656 -38.75 -2.10 -15.25
N LEU A 657 -40.08 -2.00 -15.33
CA LEU A 657 -40.97 -2.44 -14.25
C LEU A 657 -40.90 -3.96 -14.06
N HIS A 658 -40.89 -4.73 -15.16
CA HIS A 658 -40.74 -6.18 -15.09
C HIS A 658 -39.37 -6.62 -14.56
N PHE A 659 -38.27 -5.92 -14.88
CA PHE A 659 -36.96 -6.11 -14.25
C PHE A 659 -37.00 -5.86 -12.73
N CYS A 660 -37.65 -4.80 -12.26
CA CYS A 660 -37.79 -4.56 -10.82
C CYS A 660 -38.50 -5.74 -10.15
N GLN A 661 -39.62 -6.20 -10.72
CA GLN A 661 -40.42 -7.29 -10.14
C GLN A 661 -39.76 -8.68 -10.30
N LYS A 662 -38.93 -8.90 -11.32
CA LYS A 662 -38.05 -10.06 -11.44
C LYS A 662 -36.95 -10.06 -10.37
N LEU A 663 -36.28 -8.93 -10.14
CA LEU A 663 -35.17 -8.82 -9.19
C LEU A 663 -35.63 -9.11 -7.76
N ARG A 664 -36.86 -8.71 -7.42
CA ARG A 664 -37.41 -8.99 -6.08
C ARG A 664 -37.70 -10.49 -5.78
N ASN A 665 -37.77 -11.32 -6.81
CA ASN A 665 -37.96 -12.76 -6.63
C ASN A 665 -36.65 -13.52 -6.39
N GLN A 666 -35.48 -12.88 -6.54
CA GLN A 666 -34.19 -13.55 -6.41
C GLN A 666 -33.75 -13.71 -4.95
N THR A 667 -32.97 -14.74 -4.64
CA THR A 667 -32.48 -15.03 -3.28
C THR A 667 -31.46 -14.01 -2.78
N PHE A 668 -30.82 -13.25 -3.67
CA PHE A 668 -29.92 -12.15 -3.30
C PHE A 668 -30.66 -10.88 -2.85
N PHE A 669 -31.97 -10.73 -3.10
CA PHE A 669 -32.73 -9.54 -2.73
C PHE A 669 -33.30 -9.64 -1.30
N HIS A 670 -33.22 -8.55 -0.52
CA HIS A 670 -33.70 -8.48 0.86
C HIS A 670 -34.96 -7.61 0.99
N GLN A 671 -36.06 -8.22 1.43
CA GLN A 671 -37.35 -7.56 1.62
C GLN A 671 -37.41 -6.82 2.97
N THR A 672 -37.21 -5.50 2.97
CA THR A 672 -37.56 -4.64 4.11
C THR A 672 -39.09 -4.56 4.24
N GLU A 673 -39.63 -4.68 5.46
CA GLU A 673 -41.09 -4.69 5.64
C GLU A 673 -41.76 -3.34 5.33
N GLN A 674 -41.05 -2.23 5.59
CA GLN A 674 -41.35 -0.93 4.99
C GLN A 674 -40.89 -0.89 3.52
N GLN A 675 -41.77 -0.48 2.61
CA GLN A 675 -41.47 -0.36 1.18
C GLN A 675 -40.54 0.83 0.87
N ASP A 676 -39.58 0.65 -0.05
CA ASP A 676 -38.79 1.74 -0.60
C ASP A 676 -39.41 2.28 -1.90
N PHE A 677 -40.18 3.37 -1.83
CA PHE A 677 -40.75 4.04 -3.00
C PHE A 677 -39.71 4.70 -3.92
N THR A 678 -38.46 4.86 -3.49
CA THR A 678 -37.38 5.36 -4.35
C THR A 678 -36.80 4.25 -5.21
N SER A 679 -36.78 3.00 -4.73
CA SER A 679 -36.04 1.87 -5.32
C SER A 679 -36.28 1.68 -6.82
N CYS A 680 -37.55 1.64 -7.23
CA CYS A 680 -37.98 1.55 -8.62
C CYS A 680 -39.02 2.64 -8.88
N PHE A 681 -38.56 3.83 -9.26
CA PHE A 681 -39.43 5.02 -9.37
C PHE A 681 -40.59 4.83 -10.36
N ILE A 682 -40.44 3.93 -11.34
CA ILE A 682 -41.48 3.61 -12.34
C ILE A 682 -42.73 2.98 -11.68
N GLU A 683 -42.57 2.14 -10.67
CA GLU A 683 -43.71 1.58 -9.92
C GLU A 683 -44.41 2.64 -9.05
N THR A 684 -43.64 3.53 -8.43
CA THR A 684 -44.19 4.66 -7.67
C THR A 684 -44.91 5.65 -8.59
N PHE A 685 -44.38 5.92 -9.78
CA PHE A 685 -45.01 6.75 -10.79
C PHE A 685 -46.29 6.14 -11.35
N LYS A 686 -46.30 4.83 -11.66
CA LYS A 686 -47.52 4.09 -12.03
C LYS A 686 -48.59 4.23 -10.94
N GLN A 687 -48.22 4.03 -9.69
CA GLN A 687 -49.12 4.16 -8.54
C GLN A 687 -49.71 5.58 -8.45
N TRP A 688 -48.88 6.61 -8.57
CA TRP A 688 -49.33 8.01 -8.57
C TRP A 688 -50.31 8.31 -9.72
N MET A 689 -49.99 7.89 -10.95
CA MET A 689 -50.87 8.05 -12.12
C MET A 689 -52.25 7.42 -11.91
N GLU A 690 -52.28 6.16 -11.46
CA GLU A 690 -53.52 5.43 -11.18
C GLU A 690 -54.28 5.90 -9.90
N ASN A 691 -53.81 6.97 -9.26
CA ASN A 691 -54.54 7.68 -8.19
C ASN A 691 -55.01 9.09 -8.62
N GLN A 692 -54.66 9.59 -9.80
CA GLN A 692 -55.07 10.94 -10.23
C GLN A 692 -56.57 11.00 -10.54
N ASP A 693 -57.32 11.77 -9.75
CA ASP A 693 -58.79 11.71 -9.70
C ASP A 693 -59.50 12.26 -10.96
N CYS A 694 -58.80 13.09 -11.74
CA CYS A 694 -59.09 13.41 -13.14
C CYS A 694 -60.39 14.19 -13.43
N ASP A 695 -61.12 14.66 -12.42
CA ASP A 695 -62.24 15.60 -12.59
C ASP A 695 -61.75 17.04 -12.87
N GLU A 696 -60.60 17.44 -12.33
CA GLU A 696 -59.94 18.71 -12.64
C GLU A 696 -59.34 18.72 -14.06
N PRO A 697 -59.44 19.83 -14.83
CA PRO A 697 -58.92 19.90 -16.20
C PRO A 697 -57.38 19.81 -16.27
N ALA A 698 -56.67 20.23 -15.22
CA ALA A 698 -55.22 20.10 -15.14
C ALA A 698 -54.74 18.63 -15.13
N LEU A 699 -55.59 17.70 -14.68
CA LEU A 699 -55.30 16.26 -14.61
C LEU A 699 -55.71 15.51 -15.90
N TYR A 700 -56.05 16.22 -16.98
CA TYR A 700 -56.45 15.61 -18.26
C TYR A 700 -55.41 14.63 -18.85
N PRO A 701 -54.10 14.98 -18.99
CA PRO A 701 -53.10 14.02 -19.46
C PRO A 701 -52.72 13.02 -18.36
N CYS A 702 -52.43 13.51 -17.16
CA CYS A 702 -51.99 12.70 -16.02
C CYS A 702 -53.20 12.16 -15.26
N CYS A 703 -53.89 11.19 -15.86
CA CYS A 703 -55.21 10.70 -15.45
C CYS A 703 -55.18 9.21 -15.14
N SER A 704 -55.98 8.76 -14.16
CA SER A 704 -56.14 7.32 -13.85
C SER A 704 -56.70 6.48 -15.01
N HIS A 705 -57.28 7.10 -16.04
CA HIS A 705 -57.79 6.42 -17.24
C HIS A 705 -56.68 5.80 -18.11
N CYS A 706 -55.46 6.33 -18.06
CA CYS A 706 -54.34 5.84 -18.88
C CYS A 706 -53.80 4.48 -18.37
N SER A 707 -53.74 3.48 -19.25
CA SER A 707 -53.03 2.21 -18.97
C SER A 707 -51.51 2.40 -18.91
N PHE A 708 -50.80 1.51 -18.21
CA PHE A 708 -49.42 1.76 -17.76
C PHE A 708 -48.38 2.12 -18.84
N PRO A 709 -48.25 1.44 -19.99
CA PRO A 709 -47.25 1.81 -20.98
C PRO A 709 -47.68 3.10 -21.72
N TYR A 710 -47.50 4.24 -21.06
CA TYR A 710 -47.90 5.57 -21.53
C TYR A 710 -47.19 5.94 -22.83
N LYS A 711 -47.85 6.68 -23.73
CA LYS A 711 -47.19 7.29 -24.88
C LYS A 711 -46.04 8.19 -24.40
N GLN A 712 -44.92 8.21 -25.12
CA GLN A 712 -43.67 8.82 -24.64
C GLN A 712 -43.85 10.30 -24.22
N GLU A 713 -44.66 11.08 -24.94
CA GLU A 713 -44.95 12.47 -24.61
C GLU A 713 -45.69 12.63 -23.27
N VAL A 714 -46.59 11.70 -22.93
CA VAL A 714 -47.32 11.71 -21.65
C VAL A 714 -46.42 11.25 -20.52
N PHE A 715 -45.53 10.28 -20.75
CA PHE A 715 -44.48 9.94 -19.78
C PHE A 715 -43.61 11.16 -19.47
N GLU A 716 -43.05 11.80 -20.50
CA GLU A 716 -42.16 12.96 -20.34
C GLU A 716 -42.84 14.17 -19.68
N LEU A 717 -44.12 14.41 -19.95
CA LEU A 717 -44.89 15.45 -19.24
C LEU A 717 -45.17 15.06 -17.79
N CYS A 718 -45.82 13.91 -17.56
CA CYS A 718 -46.31 13.55 -16.24
C CYS A 718 -45.20 13.18 -15.26
N ILE A 719 -44.05 12.66 -15.71
CA ILE A 719 -42.92 12.40 -14.80
C ILE A 719 -42.41 13.70 -14.15
N LYS A 720 -42.31 14.79 -14.92
CA LYS A 720 -41.93 16.12 -14.39
C LYS A 720 -42.95 16.61 -13.38
N LYS A 721 -44.24 16.51 -13.70
CA LYS A 721 -45.34 16.87 -12.79
C LYS A 721 -45.29 16.04 -11.49
N ALA A 722 -45.13 14.73 -11.57
CA ALA A 722 -45.07 13.85 -10.40
C ALA A 722 -43.84 14.13 -9.51
N ILE A 723 -42.66 14.36 -10.10
CA ILE A 723 -41.46 14.79 -9.36
C ILE A 723 -41.70 16.13 -8.66
N MET A 724 -42.27 17.13 -9.34
CA MET A 724 -42.57 18.43 -8.71
C MET A 724 -43.72 18.37 -7.69
N GLU A 725 -44.66 17.44 -7.80
CA GLU A 725 -45.68 17.21 -6.78
C GLU A 725 -45.06 16.73 -5.45
N LEU A 726 -44.00 15.91 -5.52
CA LEU A 726 -43.45 15.21 -4.36
C LEU A 726 -43.02 16.14 -3.22
N ASP A 727 -42.17 17.14 -3.49
CA ASP A 727 -41.57 17.97 -2.44
C ASP A 727 -42.53 19.03 -1.85
N ARG A 728 -43.70 19.14 -2.45
CA ARG A 728 -44.81 19.93 -1.91
C ARG A 728 -45.79 19.02 -1.12
N SER A 729 -46.13 17.87 -1.71
CA SER A 729 -47.04 16.85 -1.14
C SER A 729 -46.45 16.16 0.11
N THR A 730 -45.12 16.06 0.19
CA THR A 730 -44.38 15.33 1.22
C THR A 730 -43.16 16.10 1.72
N GLY A 731 -42.58 15.65 2.83
CA GLY A 731 -41.27 16.10 3.31
C GLY A 731 -40.08 15.49 2.56
N TYR A 732 -40.28 14.68 1.52
CA TYR A 732 -39.19 13.97 0.84
C TYR A 732 -38.37 14.89 -0.09
N HIS A 733 -37.05 14.93 0.10
CA HIS A 733 -36.12 15.71 -0.72
C HIS A 733 -35.11 14.80 -1.43
N LEU A 734 -35.06 14.90 -2.76
CA LEU A 734 -34.11 14.18 -3.60
C LEU A 734 -32.68 14.75 -3.45
N ASN A 735 -31.66 13.90 -3.62
CA ASN A 735 -30.24 14.28 -3.63
C ASN A 735 -29.46 13.45 -4.66
N ASN A 736 -28.20 13.79 -4.92
CA ASN A 736 -27.39 13.15 -5.96
C ASN A 736 -27.22 11.62 -5.81
N LYS A 737 -27.35 11.05 -4.60
CA LYS A 737 -27.36 9.60 -4.34
C LYS A 737 -28.72 8.92 -4.55
N THR A 738 -29.83 9.63 -4.38
CA THR A 738 -31.20 9.08 -4.41
C THR A 738 -31.54 8.45 -5.77
N PRO A 739 -32.08 7.22 -5.86
CA PRO A 739 -32.51 6.64 -7.13
C PRO A 739 -33.70 7.40 -7.72
N GLY A 740 -33.86 7.35 -9.04
CA GLY A 740 -34.79 8.16 -9.81
C GLY A 740 -34.18 8.59 -11.15
N PRO A 741 -34.92 9.36 -11.97
CA PRO A 741 -34.40 9.94 -13.19
C PRO A 741 -33.41 11.09 -12.91
N ARG A 742 -32.65 11.40 -13.96
CA ARG A 742 -31.72 12.50 -13.90
C ARG A 742 -32.02 13.38 -15.14
N PHE A 743 -32.34 14.65 -14.92
CA PHE A 743 -32.65 15.63 -15.95
C PHE A 743 -31.42 16.45 -16.33
N ASP A 744 -31.26 16.84 -17.60
CA ASP A 744 -30.29 17.88 -18.00
C ASP A 744 -30.87 19.31 -17.83
N ILE A 745 -30.10 20.31 -18.28
CA ILE A 745 -30.46 21.73 -18.26
C ILE A 745 -31.67 22.09 -19.17
N ASN A 746 -32.10 21.20 -20.07
CA ASN A 746 -33.31 21.33 -20.89
C ASN A 746 -34.41 20.37 -20.40
N ASP A 747 -34.45 20.09 -19.10
CA ASP A 747 -35.42 19.21 -18.42
C ASP A 747 -35.65 17.86 -19.13
N THR A 748 -34.60 17.32 -19.76
CA THR A 748 -34.65 16.07 -20.52
C THR A 748 -33.97 14.95 -19.74
N ILE A 749 -34.61 13.80 -19.56
CA ILE A 749 -34.05 12.68 -18.77
C ILE A 749 -32.88 12.05 -19.54
N ARG A 750 -31.64 12.22 -19.05
CA ARG A 750 -30.45 11.60 -19.66
C ARG A 750 -29.95 10.31 -18.98
N ALA A 751 -30.33 10.09 -17.73
CA ALA A 751 -29.97 8.87 -17.01
C ALA A 751 -31.11 8.43 -16.09
N VAL A 752 -31.14 7.16 -15.70
CA VAL A 752 -31.99 6.66 -14.62
C VAL A 752 -31.18 5.77 -13.68
N VAL A 753 -31.50 5.83 -12.40
CA VAL A 753 -30.87 5.06 -11.33
C VAL A 753 -31.93 4.26 -10.59
N LEU A 754 -31.77 2.95 -10.45
CA LEU A 754 -32.57 2.09 -9.57
C LEU A 754 -31.69 1.58 -8.44
N GLU A 755 -32.23 1.36 -7.25
CA GLU A 755 -31.44 0.80 -6.15
C GLU A 755 -32.26 -0.17 -5.29
N PHE A 756 -31.65 -1.28 -4.88
CA PHE A 756 -32.27 -2.35 -4.09
C PHE A 756 -31.35 -2.80 -2.95
N GLN A 757 -31.88 -3.42 -1.89
CA GLN A 757 -31.08 -3.98 -0.80
C GLN A 757 -30.83 -5.48 -1.00
N SER A 758 -29.61 -5.96 -0.76
CA SER A 758 -29.28 -7.38 -0.86
C SER A 758 -29.38 -8.15 0.45
N THR A 759 -29.56 -9.48 0.42
CA THR A 759 -29.36 -10.36 1.59
C THR A 759 -27.89 -10.52 1.97
N PHE A 760 -26.94 -10.22 1.08
CA PHE A 760 -25.52 -10.14 1.43
C PHE A 760 -25.23 -8.90 2.28
N LEU A 761 -24.41 -9.07 3.32
CA LEU A 761 -23.91 -7.99 4.17
C LEU A 761 -22.53 -7.51 3.69
N PHE A 762 -22.14 -6.29 4.06
CA PHE A 762 -20.81 -5.78 3.78
C PHE A 762 -19.74 -6.57 4.55
N THR A 763 -18.63 -6.89 3.90
CA THR A 763 -17.52 -7.65 4.49
C THR A 763 -16.19 -7.32 3.81
N LEU A 764 -15.08 -7.48 4.54
CA LEU A 764 -13.72 -7.36 3.99
C LEU A 764 -13.14 -8.72 3.55
N ALA A 765 -13.88 -9.82 3.70
CA ALA A 765 -13.49 -11.13 3.20
C ALA A 765 -13.61 -11.18 1.67
N TYR A 766 -12.53 -11.58 0.99
CA TYR A 766 -12.48 -11.63 -0.46
C TYR A 766 -13.47 -12.63 -1.07
N GLU A 767 -13.58 -13.86 -0.54
CA GLU A 767 -14.44 -14.88 -1.16
C GLU A 767 -15.94 -14.60 -1.01
N LYS A 768 -16.39 -14.09 0.15
CA LYS A 768 -17.78 -13.69 0.34
C LYS A 768 -18.17 -12.54 -0.59
N MET A 769 -17.31 -11.53 -0.73
CA MET A 769 -17.57 -10.41 -1.61
C MET A 769 -17.45 -10.77 -3.10
N GLN A 770 -16.59 -11.73 -3.46
CA GLN A 770 -16.56 -12.30 -4.80
C GLN A 770 -17.84 -13.06 -5.13
N GLN A 771 -18.38 -13.84 -4.19
CA GLN A 771 -19.64 -14.55 -4.37
C GLN A 771 -20.82 -13.60 -4.57
N PHE A 772 -20.94 -12.54 -3.76
CA PHE A 772 -21.91 -11.46 -3.99
C PHE A 772 -21.77 -10.87 -5.39
N TYR A 773 -20.56 -10.39 -5.75
CA TYR A 773 -20.34 -9.71 -7.01
C TYR A 773 -20.68 -10.60 -8.20
N LYS A 774 -20.23 -11.85 -8.21
CA LYS A 774 -20.50 -12.80 -9.30
C LYS A 774 -21.98 -13.14 -9.42
N GLU A 775 -22.69 -13.42 -8.34
CA GLU A 775 -24.11 -13.79 -8.40
C GLU A 775 -24.97 -12.63 -8.92
N VAL A 776 -24.80 -11.43 -8.37
CA VAL A 776 -25.56 -10.25 -8.80
C VAL A 776 -25.15 -9.77 -10.19
N ASP A 777 -23.87 -9.61 -10.48
CA ASP A 777 -23.44 -9.12 -11.79
C ASP A 777 -23.80 -10.09 -12.91
N SER A 778 -23.71 -11.41 -12.67
CA SER A 778 -24.12 -12.40 -13.68
C SER A 778 -25.61 -12.33 -13.95
N TRP A 779 -26.46 -12.30 -12.93
CA TRP A 779 -27.90 -12.24 -13.13
C TRP A 779 -28.31 -10.94 -13.82
N ILE A 780 -27.77 -9.80 -13.40
CA ILE A 780 -28.05 -8.51 -14.04
C ILE A 780 -27.56 -8.48 -15.48
N SER A 781 -26.34 -8.96 -15.77
CA SER A 781 -25.83 -9.01 -17.14
C SER A 781 -26.65 -9.93 -18.04
N HIS A 782 -27.06 -11.09 -17.53
CA HIS A 782 -27.92 -12.02 -18.25
C HIS A 782 -29.29 -11.38 -18.54
N GLU A 783 -29.92 -10.76 -17.55
CA GLU A 783 -31.23 -10.13 -17.72
C GLU A 783 -31.17 -8.92 -18.67
N LEU A 784 -30.16 -8.06 -18.56
CA LEU A 784 -29.91 -6.96 -19.48
C LEU A 784 -29.65 -7.42 -20.91
N SER A 785 -29.17 -8.65 -21.13
CA SER A 785 -28.95 -9.16 -22.49
C SER A 785 -30.24 -9.33 -23.31
N SER A 786 -31.40 -9.38 -22.63
CA SER A 786 -32.75 -9.43 -23.25
C SER A 786 -33.52 -8.10 -23.13
N ALA A 787 -32.91 -7.04 -22.60
CA ALA A 787 -33.51 -5.70 -22.55
C ALA A 787 -33.69 -5.10 -23.96
N PRO A 788 -34.72 -4.26 -24.20
CA PRO A 788 -34.85 -3.52 -25.44
C PRO A 788 -33.66 -2.56 -25.65
N GLU A 789 -33.33 -2.25 -26.90
CA GLU A 789 -32.35 -1.21 -27.20
C GLU A 789 -32.78 0.13 -26.57
N GLY A 790 -31.82 0.88 -26.04
CA GLY A 790 -32.09 2.02 -25.16
C GLY A 790 -32.10 1.67 -23.67
N LEU A 791 -32.15 0.38 -23.30
CA LEU A 791 -31.89 -0.13 -21.95
C LEU A 791 -30.80 -1.24 -21.91
N SER A 792 -30.22 -1.61 -23.04
CA SER A 792 -29.23 -2.69 -23.16
C SER A 792 -27.86 -2.39 -22.52
N ARG A 793 -27.53 -1.10 -22.42
CA ARG A 793 -26.23 -0.63 -21.91
C ARG A 793 -26.12 -0.24 -20.44
N GLY A 794 -27.07 -0.68 -19.62
CA GLY A 794 -27.06 -0.44 -18.18
C GLY A 794 -25.94 -1.17 -17.45
N TRP A 795 -25.59 -0.72 -16.24
CA TRP A 795 -24.51 -1.33 -15.45
C TRP A 795 -24.77 -1.25 -13.95
N PHE A 796 -24.20 -2.20 -13.21
CA PHE A 796 -24.40 -2.40 -11.78
C PHE A 796 -23.18 -1.95 -10.98
N VAL A 797 -23.41 -1.22 -9.89
CA VAL A 797 -22.36 -0.77 -8.98
C VAL A 797 -22.79 -0.95 -7.52
N SER A 798 -21.82 -1.13 -6.64
CA SER A 798 -22.01 -1.30 -5.20
C SER A 798 -20.77 -0.81 -4.45
N ASN A 799 -20.72 -1.00 -3.13
CA ASN A 799 -19.60 -0.67 -2.24
C ASN A 799 -18.44 -1.68 -2.44
N LEU A 800 -17.73 -1.61 -3.57
CA LEU A 800 -16.77 -2.60 -4.05
C LEU A 800 -15.33 -2.08 -4.19
N GLU A 801 -15.00 -0.91 -3.65
CA GLU A 801 -13.67 -0.30 -3.72
C GLU A 801 -12.55 -1.19 -3.17
N PHE A 802 -12.76 -1.82 -2.01
CA PHE A 802 -11.77 -2.68 -1.37
C PHE A 802 -11.66 -4.06 -2.01
N TYR A 803 -12.76 -4.61 -2.51
CA TYR A 803 -12.73 -5.88 -3.24
C TYR A 803 -11.97 -5.71 -4.56
N ASP A 804 -12.14 -4.61 -5.29
CA ASP A 804 -11.39 -4.30 -6.51
C ASP A 804 -9.87 -4.20 -6.27
N LEU A 805 -9.45 -3.62 -5.13
CA LEU A 805 -8.07 -3.57 -4.70
C LEU A 805 -7.50 -4.97 -4.39
N GLN A 806 -8.21 -5.78 -3.61
CA GLN A 806 -7.83 -7.16 -3.30
C GLN A 806 -7.70 -8.04 -4.55
N ASP A 807 -8.65 -7.90 -5.47
CA ASP A 807 -8.65 -8.62 -6.73
C ASP A 807 -7.45 -8.25 -7.61
N SER A 808 -7.11 -6.96 -7.67
CA SER A 808 -5.94 -6.43 -8.38
C SER A 808 -4.61 -6.84 -7.76
N LEU A 809 -4.51 -6.92 -6.43
CA LEU A 809 -3.32 -7.45 -5.75
C LEU A 809 -3.09 -8.93 -6.05
N SER A 810 -4.15 -9.74 -6.08
CA SER A 810 -4.08 -11.15 -6.48
C SER A 810 -3.56 -11.30 -7.91
N ASP A 811 -4.26 -10.69 -8.87
CA ASP A 811 -3.99 -10.90 -10.29
C ASP A 811 -2.63 -10.38 -10.72
N GLY A 812 -2.28 -9.16 -10.29
CA GLY A 812 -1.03 -8.52 -10.68
C GLY A 812 0.20 -9.22 -10.15
N THR A 813 0.12 -9.87 -8.99
CA THR A 813 1.24 -10.63 -8.40
C THR A 813 1.53 -11.90 -9.19
N LEU A 814 0.50 -12.68 -9.53
CA LEU A 814 0.61 -13.88 -10.36
C LEU A 814 1.19 -13.56 -11.76
N ILE A 815 0.71 -12.51 -12.42
CA ILE A 815 1.20 -12.14 -13.74
C ILE A 815 2.66 -11.69 -13.68
N ALA A 816 3.02 -10.78 -12.78
CA ALA A 816 4.37 -10.26 -12.68
C ALA A 816 5.40 -11.33 -12.31
N MET A 817 5.05 -12.26 -11.42
CA MET A 817 5.91 -13.38 -11.07
C MET A 817 6.06 -14.40 -12.22
N GLY A 818 5.02 -14.67 -12.99
CA GLY A 818 5.11 -15.51 -14.19
C GLY A 818 5.99 -14.92 -15.31
N LEU A 819 5.90 -13.61 -15.54
CA LEU A 819 6.84 -12.87 -16.41
C LEU A 819 8.28 -12.92 -15.91
N SER A 820 8.48 -12.73 -14.60
CA SER A 820 9.81 -12.78 -14.00
C SER A 820 10.46 -14.16 -14.09
N VAL A 821 9.66 -15.24 -13.97
CA VAL A 821 10.12 -16.63 -14.10
C VAL A 821 10.48 -16.94 -15.53
N ALA A 822 9.71 -16.47 -16.50
CA ALA A 822 9.98 -16.65 -17.92
C ALA A 822 11.30 -16.00 -18.35
N VAL A 823 11.58 -14.77 -17.91
CA VAL A 823 12.86 -14.08 -18.14
C VAL A 823 14.03 -14.81 -17.47
N ALA A 824 13.87 -15.24 -16.21
CA ALA A 824 14.92 -15.96 -15.49
C ALA A 824 15.36 -17.25 -16.20
N PHE A 825 14.44 -18.12 -16.62
CA PHE A 825 14.82 -19.34 -17.31
C PHE A 825 15.36 -19.07 -18.73
N SER A 826 14.79 -18.11 -19.46
CA SER A 826 15.27 -17.73 -20.80
C SER A 826 16.72 -17.30 -20.78
N VAL A 827 17.09 -16.34 -19.91
CA VAL A 827 18.45 -15.81 -19.91
C VAL A 827 19.46 -16.85 -19.52
N MET A 828 19.11 -17.84 -18.72
CA MET A 828 20.00 -18.93 -18.38
C MET A 828 20.27 -19.93 -19.47
N LEU A 829 19.30 -20.28 -20.29
CA LEU A 829 19.54 -21.03 -21.52
C LEU A 829 20.51 -20.28 -22.43
N LEU A 830 20.26 -18.99 -22.66
CA LEU A 830 21.06 -18.13 -23.52
C LEU A 830 22.44 -17.75 -22.94
N THR A 831 22.71 -18.06 -21.68
CA THR A 831 23.99 -17.80 -21.02
C THR A 831 24.84 -19.04 -20.88
N THR A 832 24.24 -20.21 -20.67
CA THR A 832 24.95 -21.47 -20.46
C THR A 832 24.98 -22.31 -21.71
N TRP A 833 24.00 -22.20 -22.60
CA TRP A 833 23.80 -23.10 -23.74
C TRP A 833 23.72 -24.58 -23.37
N ASN A 834 23.26 -24.91 -22.16
CA ASN A 834 23.15 -26.27 -21.67
C ASN A 834 21.89 -26.44 -20.82
N ILE A 835 21.05 -27.41 -21.19
CA ILE A 835 19.73 -27.58 -20.60
C ILE A 835 19.81 -28.11 -19.16
N ILE A 836 20.81 -28.92 -18.83
CA ILE A 836 20.95 -29.55 -17.50
C ILE A 836 21.41 -28.54 -16.45
N ILE A 837 22.39 -27.69 -16.75
CA ILE A 837 22.76 -26.58 -15.89
C ILE A 837 21.61 -25.59 -15.73
N SER A 838 20.88 -25.23 -16.79
CA SER A 838 19.72 -24.34 -16.71
C SER A 838 18.58 -24.94 -15.87
N LEU A 839 18.36 -26.24 -15.96
CA LEU A 839 17.39 -26.99 -15.17
C LEU A 839 17.76 -27.03 -13.69
N TYR A 840 18.98 -27.43 -13.32
CA TYR A 840 19.41 -27.42 -11.93
C TYR A 840 19.38 -26.01 -11.35
N ALA A 841 19.59 -25.00 -12.18
CA ALA A 841 19.54 -23.62 -11.79
C ALA A 841 18.11 -23.16 -11.52
N ILE A 842 17.14 -23.46 -12.37
CA ILE A 842 15.74 -23.10 -12.12
C ILE A 842 15.10 -23.89 -10.99
N VAL A 843 15.51 -25.12 -10.71
CA VAL A 843 15.11 -25.86 -9.50
C VAL A 843 15.67 -25.19 -8.23
N SER A 844 16.91 -24.77 -8.20
CA SER A 844 17.49 -24.02 -7.07
C SER A 844 16.88 -22.64 -6.89
N ILE A 845 16.46 -21.99 -7.97
CA ILE A 845 15.72 -20.73 -7.96
C ILE A 845 14.34 -20.96 -7.37
N ALA A 846 13.66 -22.03 -7.71
CA ALA A 846 12.37 -22.41 -7.16
C ALA A 846 12.42 -22.72 -5.66
N GLY A 847 13.41 -23.50 -5.20
CA GLY A 847 13.68 -23.69 -3.77
C GLY A 847 13.96 -22.38 -3.05
N THR A 848 14.71 -21.48 -3.66
CA THR A 848 14.96 -20.13 -3.12
C THR A 848 13.66 -19.33 -2.92
N ILE A 849 12.79 -19.28 -3.93
CA ILE A 849 11.51 -18.57 -3.86
C ILE A 849 10.54 -19.22 -2.88
N PHE A 850 10.38 -20.54 -2.82
CA PHE A 850 9.49 -21.16 -1.83
C PHE A 850 9.96 -20.93 -0.40
N VAL A 851 11.25 -21.04 -0.12
CA VAL A 851 11.77 -20.76 1.21
C VAL A 851 11.68 -19.27 1.53
N THR A 852 11.93 -18.37 0.60
CA THR A 852 11.84 -16.94 0.83
C THR A 852 10.41 -16.49 1.08
N VAL A 853 9.46 -16.85 0.24
CA VAL A 853 8.08 -16.45 0.41
C VAL A 853 7.43 -17.19 1.56
N GLY A 854 7.69 -18.47 1.79
CA GLY A 854 7.21 -19.21 2.95
C GLY A 854 7.71 -18.63 4.26
N SER A 855 8.93 -18.11 4.30
CA SER A 855 9.45 -17.35 5.42
C SER A 855 8.68 -16.05 5.65
N LEU A 856 8.36 -15.27 4.61
CA LEU A 856 7.56 -14.04 4.75
C LEU A 856 6.14 -14.35 5.27
N VAL A 857 5.54 -15.46 4.85
CA VAL A 857 4.26 -15.95 5.36
C VAL A 857 4.33 -16.28 6.84
N LEU A 858 5.36 -16.98 7.31
CA LEU A 858 5.57 -17.23 8.74
C LEU A 858 5.87 -15.96 9.56
N LEU A 859 6.46 -14.92 8.96
CA LEU A 859 6.60 -13.58 9.54
C LEU A 859 5.29 -12.78 9.57
N GLY A 860 4.19 -13.26 9.02
CA GLY A 860 2.91 -12.61 9.05
C GLY A 860 2.70 -11.56 7.98
N TRP A 861 3.37 -11.63 6.84
CA TRP A 861 3.12 -10.73 5.73
C TRP A 861 1.81 -11.07 5.03
N GLU A 862 1.15 -10.12 4.47
CA GLU A 862 0.00 -10.21 3.68
C GLU A 862 0.36 -9.72 2.30
N LEU A 863 -0.39 -10.05 1.27
CA LEU A 863 -0.20 -9.58 -0.09
C LEU A 863 -0.74 -8.16 -0.30
N ASN A 864 -0.14 -7.16 0.33
CA ASN A 864 -0.46 -5.75 0.11
C ASN A 864 0.40 -5.11 -1.01
N VAL A 865 0.17 -3.84 -1.33
CA VAL A 865 1.07 -3.00 -2.16
C VAL A 865 2.47 -3.00 -1.54
N LEU A 866 3.55 -2.97 -2.32
CA LEU A 866 4.94 -3.26 -1.90
C LEU A 866 5.21 -4.73 -1.59
N GLU A 867 4.50 -5.37 -0.67
CA GLU A 867 4.68 -6.81 -0.41
C GLU A 867 4.52 -7.63 -1.69
N SER A 868 3.51 -7.34 -2.51
CA SER A 868 3.30 -7.94 -3.83
C SER A 868 4.41 -7.69 -4.85
N VAL A 869 5.09 -6.54 -4.78
CA VAL A 869 6.21 -6.22 -5.69
C VAL A 869 7.45 -7.05 -5.33
N THR A 870 7.75 -7.20 -4.04
CA THR A 870 8.90 -8.01 -3.60
C THR A 870 8.85 -9.46 -4.08
N ILE A 871 7.66 -10.06 -4.27
CA ILE A 871 7.52 -11.44 -4.75
C ILE A 871 8.00 -11.58 -6.18
N SER A 872 7.75 -10.59 -7.02
CA SER A 872 8.24 -10.53 -8.39
C SER A 872 9.74 -10.31 -8.43
N VAL A 873 10.23 -9.37 -7.62
CA VAL A 873 11.65 -9.00 -7.49
C VAL A 873 12.51 -10.12 -6.89
N ALA A 874 11.96 -10.98 -6.03
CA ALA A 874 12.61 -12.16 -5.48
C ALA A 874 13.13 -13.10 -6.56
N VAL A 875 12.36 -13.33 -7.60
CA VAL A 875 12.77 -14.12 -8.77
C VAL A 875 13.97 -13.50 -9.44
N GLY A 876 13.90 -12.22 -9.84
CA GLY A 876 14.94 -11.52 -10.60
C GLY A 876 16.27 -11.36 -9.87
N LEU A 877 16.26 -11.18 -8.55
CA LEU A 877 17.47 -11.23 -7.74
C LEU A 877 18.02 -12.65 -7.61
N SER A 878 17.17 -13.65 -7.36
CA SER A 878 17.59 -15.03 -7.15
C SER A 878 18.28 -15.63 -8.36
N VAL A 879 18.15 -15.04 -9.54
CA VAL A 879 18.86 -15.53 -10.73
C VAL A 879 20.38 -15.47 -10.56
N ASP A 880 20.87 -14.46 -9.85
CA ASP A 880 22.20 -13.93 -10.12
C ASP A 880 23.36 -14.84 -9.72
N PHE A 881 23.28 -15.52 -8.58
CA PHE A 881 24.37 -16.38 -8.13
C PHE A 881 24.43 -17.70 -8.90
N ALA A 882 23.30 -18.32 -9.24
CA ALA A 882 23.26 -19.50 -10.10
C ALA A 882 23.76 -19.23 -11.53
N VAL A 883 23.52 -18.03 -12.08
CA VAL A 883 24.16 -17.61 -13.33
C VAL A 883 25.67 -17.48 -13.19
N HIS A 884 26.16 -16.82 -12.16
CA HIS A 884 27.61 -16.64 -12.03
C HIS A 884 28.33 -17.98 -11.86
N TYR A 885 27.81 -18.88 -11.03
CA TYR A 885 28.40 -20.22 -10.90
C TYR A 885 28.23 -21.05 -12.16
N GLY A 886 27.08 -21.04 -12.79
CA GLY A 886 26.82 -21.87 -13.96
C GLY A 886 27.72 -21.58 -15.14
N VAL A 887 28.07 -20.31 -15.35
CA VAL A 887 29.07 -19.88 -16.35
C VAL A 887 30.49 -20.31 -15.96
N ALA A 888 30.86 -20.26 -14.69
CA ALA A 888 32.16 -20.75 -14.24
C ALA A 888 32.29 -22.29 -14.29
N TYR A 889 31.24 -23.09 -14.11
CA TYR A 889 31.27 -24.54 -14.34
C TYR A 889 31.52 -24.86 -15.80
N ARG A 890 30.91 -24.13 -16.73
CA ARG A 890 31.18 -24.35 -18.16
C ARG A 890 32.59 -23.90 -18.54
N LEU A 891 33.08 -22.82 -17.96
CA LEU A 891 34.39 -22.27 -18.30
C LEU A 891 35.54 -23.19 -17.89
N ALA A 892 35.31 -24.07 -16.92
CA ALA A 892 36.30 -24.90 -16.28
C ALA A 892 37.09 -25.73 -17.27
N PRO A 893 38.43 -25.75 -17.18
CA PRO A 893 39.24 -26.59 -18.07
C PRO A 893 39.19 -28.08 -17.69
N ASP A 894 38.83 -28.41 -16.45
CA ASP A 894 38.75 -29.77 -15.91
C ASP A 894 37.78 -30.67 -16.71
N PRO A 895 38.11 -31.95 -16.95
CA PRO A 895 37.23 -32.88 -17.65
C PRO A 895 36.13 -33.48 -16.74
N ASP A 896 36.39 -33.60 -15.44
CA ASP A 896 35.51 -34.28 -14.47
C ASP A 896 34.60 -33.30 -13.71
N ARG A 897 33.34 -33.67 -13.48
CA ARG A 897 32.38 -32.80 -12.77
C ARG A 897 32.84 -32.32 -11.38
N GLU A 898 33.65 -33.10 -10.67
CA GLU A 898 34.23 -32.64 -9.41
C GLU A 898 35.21 -31.48 -9.60
N GLY A 899 36.15 -31.59 -10.53
CA GLY A 899 37.05 -30.49 -10.87
C GLY A 899 36.32 -29.25 -11.36
N LYS A 900 35.29 -29.38 -12.18
CA LYS A 900 34.44 -28.27 -12.61
C LYS A 900 33.71 -27.54 -11.47
N VAL A 901 33.26 -28.22 -10.43
CA VAL A 901 32.66 -27.61 -9.24
C VAL A 901 33.69 -26.96 -8.34
N ILE A 902 34.87 -27.53 -8.22
CA ILE A 902 35.97 -26.89 -7.49
C ILE A 902 36.39 -25.60 -8.20
N PHE A 903 36.45 -25.60 -9.53
CA PHE A 903 36.78 -24.45 -10.35
C PHE A 903 35.73 -23.35 -10.22
N SER A 904 34.46 -23.71 -10.31
CA SER A 904 33.34 -22.80 -10.16
C SER A 904 33.31 -22.08 -8.82
N LEU A 905 33.41 -22.80 -7.71
CA LEU A 905 33.52 -22.25 -6.37
C LEU A 905 34.77 -21.41 -6.17
N SER A 906 35.91 -21.78 -6.73
CA SER A 906 37.16 -21.05 -6.59
C SER A 906 37.17 -19.74 -7.35
N ARG A 907 36.56 -19.74 -8.53
CA ARG A 907 36.58 -18.57 -9.39
C ARG A 907 35.48 -17.54 -9.19
N MET A 908 34.28 -17.93 -8.77
CA MET A 908 33.21 -16.96 -8.49
C MET A 908 32.92 -16.75 -7.01
N GLY A 909 33.49 -17.58 -6.13
CA GLY A 909 33.19 -17.59 -4.72
C GLY A 909 33.22 -16.24 -4.03
N SER A 910 34.32 -15.48 -4.08
CA SER A 910 34.36 -14.22 -3.37
C SER A 910 33.59 -13.08 -4.03
N ALA A 911 33.40 -12.99 -5.34
CA ALA A 911 32.53 -11.98 -5.90
C ALA A 911 31.07 -12.21 -5.53
N ILE A 912 30.57 -13.44 -5.58
CA ILE A 912 29.21 -13.81 -5.19
C ILE A 912 28.96 -13.50 -3.73
N ALA A 913 29.91 -13.77 -2.86
CA ALA A 913 29.85 -13.45 -1.45
C ALA A 913 29.76 -11.94 -1.17
N MET A 914 30.54 -11.12 -1.87
CA MET A 914 30.53 -9.68 -1.76
C MET A 914 29.27 -9.04 -2.30
N ALA A 915 28.69 -9.52 -3.40
CA ALA A 915 27.38 -9.07 -3.85
C ALA A 915 26.24 -9.42 -2.86
N ALA A 916 26.27 -10.62 -2.29
CA ALA A 916 25.32 -11.02 -1.28
C ALA A 916 25.46 -10.17 -0.02
N LEU A 917 26.66 -9.96 0.47
CA LEU A 917 26.98 -9.15 1.64
C LEU A 917 26.57 -7.67 1.49
N THR A 918 26.89 -6.99 0.39
CA THR A 918 26.48 -5.58 0.20
C THR A 918 24.96 -5.42 0.16
N THR A 919 24.26 -6.38 -0.44
CA THR A 919 22.81 -6.36 -0.48
C THR A 919 22.19 -6.63 0.90
N PHE A 920 22.71 -7.59 1.66
CA PHE A 920 22.28 -7.88 3.03
C PHE A 920 22.51 -6.68 3.97
N VAL A 921 23.68 -6.06 3.93
CA VAL A 921 24.05 -4.88 4.74
C VAL A 921 23.14 -3.70 4.45
N ALA A 922 22.86 -3.37 3.21
CA ALA A 922 21.90 -2.35 2.87
C ALA A 922 20.52 -2.60 3.49
N GLY A 923 19.97 -3.81 3.39
CA GLY A 923 18.75 -4.20 4.07
C GLY A 923 18.81 -4.14 5.58
N ALA A 924 19.83 -4.63 6.23
CA ALA A 924 20.00 -4.58 7.67
C ALA A 924 20.05 -3.15 8.25
N MET A 925 20.57 -2.18 7.50
CA MET A 925 20.55 -0.77 7.90
C MET A 925 19.17 -0.12 7.93
N MET A 926 18.13 -0.70 7.34
CA MET A 926 16.78 -0.12 7.36
C MET A 926 15.94 -0.47 8.59
N MET A 927 16.45 -1.31 9.48
CA MET A 927 15.74 -1.77 10.67
C MET A 927 15.44 -0.70 11.73
N PRO A 928 16.23 0.37 11.95
CA PRO A 928 15.84 1.48 12.83
C PRO A 928 14.78 2.46 12.27
N SER A 929 14.20 2.19 11.10
CA SER A 929 13.27 3.13 10.46
C SER A 929 11.86 3.13 11.05
N THR A 930 11.22 4.29 11.11
CA THR A 930 9.81 4.42 11.50
C THR A 930 8.87 4.11 10.34
N VAL A 931 9.27 4.38 9.12
CA VAL A 931 8.53 4.11 7.91
C VAL A 931 8.41 2.62 7.73
N LEU A 932 7.21 2.08 7.68
CA LEU A 932 6.99 0.65 7.50
C LEU A 932 7.59 0.11 6.20
N ALA A 933 7.48 0.84 5.09
CA ALA A 933 8.00 0.44 3.79
C ALA A 933 9.52 0.22 3.77
N TYR A 934 10.31 1.09 4.41
CA TYR A 934 11.74 0.91 4.59
C TYR A 934 12.08 -0.35 5.37
N THR A 935 11.42 -0.62 6.47
CA THR A 935 11.67 -1.82 7.29
C THR A 935 11.28 -3.11 6.60
N GLN A 936 10.22 -3.11 5.79
CA GLN A 936 9.79 -4.29 5.03
C GLN A 936 10.76 -4.60 3.87
N LEU A 937 11.20 -3.59 3.12
CA LEU A 937 12.17 -3.80 2.06
C LEU A 937 13.50 -4.31 2.59
N GLY A 938 14.01 -3.76 3.69
CA GLY A 938 15.25 -4.25 4.30
C GLY A 938 15.16 -5.67 4.83
N THR A 939 14.02 -6.06 5.41
CA THR A 939 13.73 -7.44 5.84
C THR A 939 13.82 -8.43 4.68
N PHE A 940 13.12 -8.13 3.59
CA PHE A 940 13.19 -8.87 2.37
C PHE A 940 14.61 -8.95 1.79
N MET A 941 15.37 -7.87 1.72
CA MET A 941 16.74 -7.85 1.20
C MET A 941 17.68 -8.75 1.97
N MET A 942 17.60 -8.81 3.28
CA MET A 942 18.38 -9.73 4.12
C MET A 942 18.03 -11.20 3.83
N LEU A 943 16.74 -11.50 3.88
CA LEU A 943 16.20 -12.84 3.73
C LEU A 943 16.49 -13.46 2.36
N VAL A 944 16.16 -12.78 1.27
CA VAL A 944 16.44 -13.26 -0.07
C VAL A 944 17.94 -13.42 -0.35
N MET A 945 18.83 -12.65 0.28
CA MET A 945 20.27 -12.86 0.09
C MET A 945 20.79 -14.12 0.75
N CYS A 946 20.36 -14.40 1.98
CA CYS A 946 20.75 -15.62 2.69
C CYS A 946 20.24 -16.86 1.97
N VAL A 947 18.95 -16.87 1.62
CA VAL A 947 18.34 -18.02 0.96
C VAL A 947 18.95 -18.24 -0.42
N SER A 948 19.07 -17.21 -1.26
CA SER A 948 19.65 -17.39 -2.59
C SER A 948 21.12 -17.77 -2.57
N TRP A 949 21.93 -17.24 -1.63
CA TRP A 949 23.31 -17.62 -1.54
C TRP A 949 23.50 -19.08 -1.13
N ALA A 950 22.76 -19.54 -0.15
CA ALA A 950 22.80 -20.91 0.31
C ALA A 950 22.34 -21.90 -0.76
N PHE A 951 21.23 -21.64 -1.44
CA PHE A 951 20.77 -22.50 -2.53
C PHE A 951 21.74 -22.52 -3.72
N ALA A 952 22.34 -21.40 -4.11
CA ALA A 952 23.30 -21.39 -5.21
C ALA A 952 24.63 -22.10 -4.86
N THR A 953 25.11 -21.96 -3.63
CA THR A 953 26.41 -22.46 -3.21
C THR A 953 26.39 -23.90 -2.76
N PHE A 954 25.41 -24.30 -1.99
CA PHE A 954 25.33 -25.68 -1.54
C PHE A 954 24.44 -26.48 -2.48
N PHE A 955 23.14 -26.18 -2.59
CA PHE A 955 22.23 -27.04 -3.35
C PHE A 955 22.54 -27.15 -4.86
N PHE A 956 22.73 -26.05 -5.57
CA PHE A 956 23.02 -26.04 -7.02
C PHE A 956 24.40 -26.63 -7.36
N GLN A 957 25.42 -26.41 -6.54
CA GLN A 957 26.72 -27.03 -6.72
C GLN A 957 26.71 -28.51 -6.40
N CYS A 958 25.87 -28.97 -5.46
CA CYS A 958 25.69 -30.39 -5.18
C CYS A 958 24.99 -31.12 -6.32
N LEU A 959 24.00 -30.52 -6.99
CA LEU A 959 23.42 -31.11 -8.20
C LEU A 959 24.48 -31.25 -9.30
N CYS A 960 25.29 -30.25 -9.56
CA CYS A 960 26.41 -30.29 -10.50
C CYS A 960 27.47 -31.31 -10.14
N ARG A 961 27.77 -31.50 -8.86
CA ARG A 961 28.75 -32.53 -8.43
C ARG A 961 28.19 -33.96 -8.56
N CYS A 962 26.91 -34.17 -8.25
CA CYS A 962 26.33 -35.50 -8.33
C CYS A 962 26.07 -35.95 -9.76
N LEU A 963 25.36 -35.13 -10.55
CA LEU A 963 24.88 -35.48 -11.89
C LEU A 963 24.99 -34.31 -12.88
N GLY A 964 26.02 -33.50 -12.76
CA GLY A 964 26.34 -32.44 -13.70
C GLY A 964 26.77 -32.98 -15.05
N PRO A 965 26.56 -32.23 -16.14
CA PRO A 965 27.04 -32.64 -17.44
C PRO A 965 28.56 -32.70 -17.52
N GLN A 966 29.10 -33.55 -18.38
CA GLN A 966 30.50 -33.54 -18.81
C GLN A 966 30.59 -34.00 -20.27
N GLY A 967 31.50 -33.43 -21.06
CA GLY A 967 31.71 -33.81 -22.47
C GLY A 967 30.59 -33.38 -23.43
N THR A 968 30.02 -32.19 -23.27
CA THR A 968 28.94 -31.61 -24.13
C THR A 968 27.60 -32.35 -24.11
N CYS A 969 27.33 -33.11 -23.04
CA CYS A 969 26.19 -34.01 -22.88
C CYS A 969 24.78 -33.43 -23.09
N GLY A 970 24.54 -32.16 -22.74
CA GLY A 970 23.24 -31.48 -22.91
C GLY A 970 23.33 -30.15 -23.66
N GLN A 971 24.34 -29.98 -24.51
CA GLN A 971 24.67 -28.69 -25.12
C GLN A 971 23.68 -28.32 -26.23
N ILE A 972 23.07 -27.15 -26.12
CA ILE A 972 22.17 -26.58 -27.13
C ILE A 972 23.02 -26.16 -28.36
N PRO A 973 22.61 -26.48 -29.60
CA PRO A 973 23.31 -26.02 -30.80
C PRO A 973 23.13 -24.51 -31.01
N PHE A 974 24.22 -23.79 -31.32
CA PHE A 974 24.17 -22.36 -31.66
C PHE A 974 23.48 -22.12 -33.01
#